data_8JYQ
#
_entry.id   8JYQ
#
_cell.length_a   73.143
_cell.length_b   62.793
_cell.length_c   78.122
_cell.angle_alpha   90.000
_cell.angle_beta   94.419
_cell.angle_gamma   90.000
#
_symmetry.space_group_name_H-M   'P 1 21 1'
#
loop_
_entity.id
_entity.type
_entity.pdbx_description
1 polymer 'H2CasMab-1 VH(S112C),SARAH'
2 polymer 'H2CasMab-1 VL,SARAH(S37C)'
3 polymer 'H2CasMab-1 epitope peptide'
4 water water
#
loop_
_entity_poly.entity_id
_entity_poly.type
_entity_poly.pdbx_seq_one_letter_code
_entity_poly.pdbx_strand_id
1 'polypeptide(L)'
;GRQVTLKESGPGILQPSQTLSLTCSFSGFSLSTSGMGVSWIRQPSGKGLEWLAHIFWDDDKRYNPSLKSRLTISKDTSRN
KVFLKITSVDTADTATYYCARRVVATDWYFDVWGAGTTVTVCSGSDYEFLKSWTVEDLQKRLLALDPMMEQEIEEIRQKY
QSKRQPILDAIEAK
;
A,D
2 'polypeptide(L)'
;GRDIVLTQSPASLAVSLGQRATISCRASESVEYYGTTLMQWYQQKPGQPPKLLIYAASKVESGVPARFSGSGSGTDFSLN
IHPVEEDDVAMYFCQQSRKVPLTFGAGTKLELKRGSDYEFLKSWTVEDLQKRLLALDPMMEQEIEEIRQKYQCKRQPILD
AIEAKGTLLG
;
B,E
3 'polypeptide(L)' MPIWKFPD C,F
#
# COMPACT_ATOMS: atom_id res chain seq x y z
N GLN A 3 5.28 15.01 -24.09
CA GLN A 3 5.97 14.76 -22.84
C GLN A 3 4.98 14.51 -21.71
N VAL A 4 5.52 14.09 -20.58
CA VAL A 4 4.72 13.76 -19.41
C VAL A 4 4.93 14.88 -18.39
N THR A 5 3.83 15.46 -17.93
CA THR A 5 3.88 16.52 -16.92
C THR A 5 3.02 16.11 -15.73
N LEU A 6 3.48 16.47 -14.55
CA LEU A 6 2.76 16.29 -13.30
C LEU A 6 2.77 17.65 -12.62
N LYS A 7 1.65 18.05 -12.04
CA LYS A 7 1.55 19.33 -11.35
C LYS A 7 0.79 19.15 -10.04
N GLU A 8 1.42 19.52 -8.93
CA GLU A 8 0.79 19.50 -7.62
C GLU A 8 0.08 20.83 -7.36
N SER A 9 -1.08 20.74 -6.72
CA SER A 9 -1.78 21.94 -6.28
C SER A 9 -2.31 21.71 -4.86
N GLY A 10 -2.41 22.79 -4.11
CA GLY A 10 -2.82 22.71 -2.73
C GLY A 10 -3.38 24.02 -2.26
N PRO A 11 -3.69 24.10 -0.96
CA PRO A 11 -4.29 25.33 -0.42
C PRO A 11 -3.28 26.42 -0.11
N GLY A 12 -1.99 26.11 -0.17
CA GLY A 12 -0.97 27.10 0.15
C GLY A 12 -0.73 27.22 1.65
N ILE A 13 -1.76 27.62 2.38
CA ILE A 13 -1.68 27.69 3.83
C ILE A 13 -2.83 26.88 4.41
N LEU A 14 -2.70 26.51 5.68
CA LEU A 14 -3.70 25.68 6.35
C LEU A 14 -3.55 25.85 7.85
N GLN A 15 -4.67 25.98 8.55
CA GLN A 15 -4.62 26.10 9.99
C GLN A 15 -4.43 24.72 10.63
N PRO A 16 -3.79 24.65 11.80
CA PRO A 16 -3.57 23.34 12.43
C PRO A 16 -4.90 22.70 12.75
N SER A 17 -4.90 21.35 12.73
CA SER A 17 -6.02 20.44 12.95
C SER A 17 -6.88 20.27 11.71
N GLN A 18 -6.69 21.06 10.65
CA GLN A 18 -7.47 20.93 9.43
C GLN A 18 -6.93 19.81 8.55
N THR A 19 -7.69 19.46 7.53
CA THR A 19 -7.33 18.39 6.61
C THR A 19 -6.65 19.00 5.38
N LEU A 20 -5.52 18.43 5.01
CA LEU A 20 -4.79 18.85 3.82
C LEU A 20 -5.29 18.05 2.63
N SER A 21 -5.76 18.75 1.59
CA SER A 21 -6.23 18.11 0.35
C SER A 21 -5.32 18.58 -0.79
N LEU A 22 -4.55 17.65 -1.33
CA LEU A 22 -3.60 17.90 -2.40
C LEU A 22 -4.10 17.23 -3.67
N THR A 23 -3.74 17.80 -4.81
CA THR A 23 -4.16 17.29 -6.12
C THR A 23 -2.94 17.29 -7.03
N CYS A 24 -2.72 16.16 -7.70
CA CYS A 24 -1.68 15.99 -8.72
C CYS A 24 -2.40 15.89 -10.06
N SER A 25 -2.22 16.89 -10.91
CA SER A 25 -2.82 16.90 -12.23
C SER A 25 -1.73 16.50 -13.22
N PHE A 26 -2.00 15.51 -14.05
CA PHE A 26 -0.96 14.99 -14.92
C PHE A 26 -1.44 14.97 -16.37
N SER A 27 -0.47 14.98 -17.29
CA SER A 27 -0.79 14.85 -18.69
C SER A 27 0.28 14.00 -19.37
N GLY A 28 -0.05 13.49 -20.56
CA GLY A 28 0.89 12.73 -21.34
C GLY A 28 0.80 11.24 -21.16
N PHE A 29 -0.03 10.76 -20.23
CA PHE A 29 -0.23 9.33 -20.03
C PHE A 29 -1.56 9.15 -19.30
N SER A 30 -2.03 7.91 -19.23
CA SER A 30 -3.22 7.58 -18.46
C SER A 30 -2.83 6.72 -17.27
N LEU A 31 -3.32 7.08 -16.09
CA LEU A 31 -3.12 6.21 -14.94
C LEU A 31 -3.88 4.90 -15.03
N SER A 32 -4.82 4.77 -15.99
CA SER A 32 -5.46 3.48 -16.22
C SER A 32 -4.60 2.51 -17.02
N THR A 33 -3.50 2.96 -17.62
CA THR A 33 -2.63 2.05 -18.37
C THR A 33 -1.92 1.08 -17.43
N SER A 34 -1.93 -0.19 -17.84
CA SER A 34 -1.32 -1.26 -17.05
C SER A 34 0.13 -0.92 -16.70
N GLY A 35 0.44 -0.96 -15.40
CA GLY A 35 1.78 -0.73 -14.90
C GLY A 35 2.09 0.69 -14.47
N MET A 36 1.14 1.62 -14.64
CA MET A 36 1.39 2.99 -14.21
C MET A 36 1.07 3.13 -12.72
N GLY A 37 1.76 4.06 -12.06
CA GLY A 37 1.44 4.41 -10.68
C GLY A 37 2.00 5.78 -10.36
N VAL A 38 1.49 6.37 -9.29
CA VAL A 38 1.90 7.71 -8.87
C VAL A 38 2.06 7.72 -7.36
N SER A 39 3.16 8.33 -6.89
CA SER A 39 3.46 8.47 -5.48
C SER A 39 3.31 9.93 -5.05
N TRP A 40 2.98 10.11 -3.77
CA TRP A 40 3.10 11.40 -3.12
C TRP A 40 4.31 11.37 -2.20
N ILE A 41 5.08 12.45 -2.20
CA ILE A 41 6.34 12.60 -1.47
C ILE A 41 6.36 14.01 -0.88
N ARG A 42 7.08 14.19 0.21
CA ARG A 42 7.18 15.54 0.75
C ARG A 42 8.57 15.77 1.34
N GLN A 43 8.96 17.04 1.37
CA GLN A 43 10.19 17.47 2.02
C GLN A 43 9.85 18.46 3.11
N PRO A 44 9.77 18.04 4.38
CA PRO A 44 9.48 18.98 5.46
C PRO A 44 10.57 20.02 5.56
N SER A 45 10.21 21.16 6.17
CA SER A 45 11.15 22.26 6.30
C SER A 45 12.40 21.81 7.05
N GLY A 46 13.56 22.05 6.44
CA GLY A 46 14.82 21.69 7.07
C GLY A 46 15.08 20.21 7.21
N LYS A 47 14.34 19.36 6.51
CA LYS A 47 14.54 17.92 6.57
C LYS A 47 14.65 17.34 5.16
N GLY A 48 14.99 16.04 5.10
CA GLY A 48 15.06 15.35 3.84
C GLY A 48 13.72 14.88 3.34
N LEU A 49 13.71 14.41 2.10
CA LEU A 49 12.49 13.96 1.46
C LEU A 49 11.92 12.73 2.17
N GLU A 50 10.60 12.59 2.11
CA GLU A 50 9.88 11.51 2.79
C GLU A 50 8.74 11.01 1.90
N TRP A 51 8.71 9.71 1.63
CA TRP A 51 7.66 9.10 0.82
C TRP A 51 6.38 8.93 1.64
N LEU A 52 5.23 9.25 1.04
CA LEU A 52 3.95 9.19 1.75
C LEU A 52 3.09 8.01 1.32
N ALA A 53 2.83 7.85 0.03
CA ALA A 53 1.88 6.85 -0.44
C ALA A 53 2.06 6.69 -1.94
N HIS A 54 1.56 5.57 -2.46
CA HIS A 54 1.62 5.28 -3.90
C HIS A 54 0.32 4.62 -4.31
N ILE A 55 -0.19 4.99 -5.49
CA ILE A 55 -1.41 4.36 -6.01
C ILE A 55 -1.14 3.84 -7.42
N PHE A 56 -1.51 2.58 -7.65
CA PHE A 56 -1.30 1.89 -8.92
C PHE A 56 -2.52 2.01 -9.83
N TRP A 57 -2.30 1.64 -11.11
CA TRP A 57 -3.35 1.73 -12.12
C TRP A 57 -4.61 0.96 -11.74
N ASP A 58 -4.49 -0.07 -10.91
CA ASP A 58 -5.63 -0.90 -10.54
C ASP A 58 -6.19 -0.52 -9.18
N ASP A 59 -5.90 0.69 -8.68
CA ASP A 59 -6.42 1.22 -7.43
C ASP A 59 -5.82 0.55 -6.20
N ASP A 60 -4.78 -0.27 -6.38
CA ASP A 60 -3.99 -0.77 -5.26
C ASP A 60 -3.21 0.38 -4.63
N LYS A 61 -3.31 0.51 -3.30
CA LYS A 61 -2.77 1.64 -2.55
C LYS A 61 -1.80 1.16 -1.48
N ARG A 62 -0.65 1.82 -1.38
CA ARG A 62 0.38 1.53 -0.38
C ARG A 62 0.75 2.79 0.37
N TYR A 63 0.97 2.67 1.68
CA TYR A 63 1.17 3.83 2.53
C TYR A 63 2.45 3.69 3.34
N ASN A 64 3.01 4.84 3.69
CA ASN A 64 4.08 4.87 4.69
C ASN A 64 3.50 4.42 6.01
N PRO A 65 3.99 3.32 6.60
CA PRO A 65 3.36 2.80 7.84
C PRO A 65 3.38 3.80 8.98
N SER A 66 4.34 4.71 9.00
CA SER A 66 4.43 5.69 10.09
C SER A 66 3.36 6.75 10.00
N LEU A 67 2.73 6.92 8.83
CA LEU A 67 1.72 7.94 8.62
C LEU A 67 0.40 7.36 8.13
N LYS A 68 0.30 6.03 7.99
CA LYS A 68 -0.85 5.39 7.35
C LYS A 68 -2.18 5.90 7.93
N SER A 69 -2.28 5.95 9.26
CA SER A 69 -3.54 6.30 9.91
C SER A 69 -3.99 7.73 9.62
N ARG A 70 -3.11 8.56 9.03
CA ARG A 70 -3.43 9.94 8.70
C ARG A 70 -3.63 10.17 7.21
N LEU A 71 -3.32 9.19 6.36
CA LEU A 71 -3.24 9.44 4.91
C LEU A 71 -4.33 8.70 4.15
N THR A 72 -4.77 9.30 3.04
CA THR A 72 -5.71 8.65 2.13
C THR A 72 -5.32 9.06 0.71
N ILE A 73 -4.88 8.10 -0.09
CA ILE A 73 -4.58 8.36 -1.49
C ILE A 73 -5.71 7.82 -2.36
N SER A 74 -5.94 8.46 -3.51
CA SER A 74 -7.07 8.15 -4.38
C SER A 74 -6.80 8.76 -5.74
N LYS A 75 -7.63 8.39 -6.72
CA LYS A 75 -7.41 8.85 -8.08
C LYS A 75 -8.76 9.03 -8.77
N ASP A 76 -8.74 9.87 -9.81
CA ASP A 76 -9.87 10.04 -10.75
C ASP A 76 -9.24 10.06 -12.13
N THR A 77 -9.18 8.88 -12.75
CA THR A 77 -8.51 8.78 -14.04
C THR A 77 -9.30 9.46 -15.14
N SER A 78 -10.59 9.76 -14.94
CA SER A 78 -11.34 10.50 -15.94
C SER A 78 -10.91 11.95 -16.03
N ARG A 79 -10.29 12.49 -14.97
CA ARG A 79 -9.80 13.87 -14.98
C ARG A 79 -8.29 13.95 -14.88
N ASN A 80 -7.59 12.81 -14.99
CA ASN A 80 -6.14 12.72 -14.85
C ASN A 80 -5.67 13.40 -13.57
N LYS A 81 -6.21 12.93 -12.44
CA LYS A 81 -5.91 13.51 -11.15
C LYS A 81 -5.62 12.40 -10.13
N VAL A 82 -4.66 12.67 -9.26
CA VAL A 82 -4.37 11.85 -8.08
C VAL A 82 -4.52 12.76 -6.87
N PHE A 83 -5.11 12.25 -5.80
CA PHE A 83 -5.37 13.07 -4.62
C PHE A 83 -4.68 12.50 -3.39
N LEU A 84 -4.33 13.39 -2.48
CA LEU A 84 -3.87 12.98 -1.16
C LEU A 84 -4.60 13.80 -0.11
N LYS A 85 -5.07 13.13 0.93
CA LYS A 85 -5.68 13.76 2.09
C LYS A 85 -4.81 13.45 3.29
N ILE A 86 -4.42 14.48 4.04
CA ILE A 86 -3.74 14.33 5.33
C ILE A 86 -4.59 14.97 6.41
N THR A 87 -5.01 14.19 7.40
CA THR A 87 -5.87 14.70 8.46
C THR A 87 -5.03 15.27 9.60
N SER A 88 -5.62 16.25 10.30
CA SER A 88 -5.13 16.79 11.57
C SER A 88 -3.69 17.30 11.46
N VAL A 89 -3.49 18.29 10.59
CA VAL A 89 -2.14 18.75 10.30
C VAL A 89 -1.60 19.58 11.46
N ASP A 90 -0.27 19.64 11.56
CA ASP A 90 0.41 20.53 12.48
C ASP A 90 1.64 21.09 11.76
N THR A 91 2.52 21.75 12.53
CA THR A 91 3.68 22.39 11.92
C THR A 91 4.62 21.38 11.26
N ALA A 92 4.60 20.12 11.70
CA ALA A 92 5.43 19.10 11.06
C ALA A 92 4.98 18.76 9.65
N ASP A 93 3.82 19.25 9.21
CA ASP A 93 3.34 19.00 7.87
C ASP A 93 3.63 20.16 6.91
N THR A 94 4.23 21.24 7.40
CA THR A 94 4.79 22.27 6.53
C THR A 94 5.89 21.68 5.67
N ALA A 95 5.72 21.73 4.35
CA ALA A 95 6.62 21.04 3.45
C ALA A 95 6.28 21.42 2.01
N THR A 96 7.19 21.09 1.10
CA THR A 96 6.90 21.05 -0.32
C THR A 96 6.45 19.65 -0.65
N TYR A 97 5.29 19.53 -1.29
CA TYR A 97 4.69 18.24 -1.63
C TYR A 97 4.90 17.98 -3.11
N TYR A 98 5.32 16.76 -3.45
CA TYR A 98 5.65 16.36 -4.80
C TYR A 98 4.85 15.12 -5.15
N CYS A 99 4.49 14.99 -6.42
CA CYS A 99 4.01 13.72 -6.94
C CYS A 99 4.96 13.25 -8.02
N ALA A 100 5.04 11.93 -8.22
CA ALA A 100 6.00 11.38 -9.16
C ALA A 100 5.44 10.08 -9.72
N ARG A 101 5.75 9.83 -10.99
CA ARG A 101 5.26 8.65 -11.68
C ARG A 101 6.30 7.54 -11.64
N ARG A 102 5.83 6.30 -11.50
CA ARG A 102 6.65 5.13 -11.77
C ARG A 102 5.95 4.22 -12.78
N VAL A 103 6.72 3.74 -13.76
CA VAL A 103 6.20 2.87 -14.82
C VAL A 103 6.81 1.49 -14.62
N VAL A 104 6.04 0.45 -14.87
CA VAL A 104 6.54 -0.92 -14.67
C VAL A 104 7.84 -1.12 -15.46
N ALA A 105 8.80 -1.76 -14.80
CA ALA A 105 10.10 -2.10 -15.38
C ALA A 105 10.70 -3.22 -14.53
N THR A 106 11.89 -3.69 -14.92
CA THR A 106 12.61 -4.63 -14.07
C THR A 106 13.26 -3.95 -12.87
N ASP A 107 13.46 -2.64 -12.94
CA ASP A 107 13.89 -1.82 -11.82
C ASP A 107 12.69 -1.02 -11.31
N TRP A 108 12.90 -0.27 -10.23
CA TRP A 108 11.81 0.52 -9.63
C TRP A 108 12.32 1.93 -9.39
N TYR A 109 11.85 2.89 -10.20
CA TYR A 109 12.30 4.26 -10.08
C TYR A 109 11.22 5.22 -10.57
N PHE A 110 11.19 6.41 -9.98
CA PHE A 110 10.35 7.49 -10.50
C PHE A 110 10.96 8.07 -11.77
N ASP A 111 10.23 8.02 -12.90
CA ASP A 111 10.84 8.54 -14.12
C ASP A 111 10.52 10.00 -14.37
N VAL A 112 9.45 10.53 -13.78
CA VAL A 112 9.01 11.92 -13.96
C VAL A 112 8.45 12.42 -12.64
N TRP A 113 8.79 13.67 -12.28
CA TRP A 113 8.31 14.30 -11.07
C TRP A 113 7.57 15.57 -11.44
N GLY A 114 6.73 16.04 -10.54
CA GLY A 114 6.30 17.42 -10.59
C GLY A 114 7.32 18.35 -9.95
N ALA A 115 7.10 19.66 -10.09
CA ALA A 115 7.98 20.66 -9.49
C ALA A 115 7.71 20.90 -8.01
N GLY A 116 6.58 20.46 -7.51
CA GLY A 116 6.24 20.58 -6.10
C GLY A 116 5.32 21.74 -5.81
N THR A 117 4.58 21.62 -4.70
CA THR A 117 3.77 22.72 -4.18
C THR A 117 4.08 22.87 -2.69
N THR A 118 4.27 24.12 -2.27
N THR A 118 4.28 24.12 -2.26
CA THR A 118 4.63 24.40 -0.88
CA THR A 118 4.62 24.39 -0.88
C THR A 118 3.37 24.67 -0.06
C THR A 118 3.35 24.64 -0.07
N VAL A 119 3.27 23.99 1.09
CA VAL A 119 2.16 24.18 2.03
C VAL A 119 2.76 24.63 3.35
N THR A 120 2.23 25.72 3.90
CA THR A 120 2.64 26.20 5.22
C THR A 120 1.47 25.98 6.18
N VAL A 121 1.71 25.22 7.24
CA VAL A 121 0.76 25.12 8.33
C VAL A 121 0.97 26.30 9.27
N CYS A 122 -0.10 27.05 9.51
CA CYS A 122 -0.01 28.32 10.20
C CYS A 122 0.27 28.08 11.67
N SER A 123 0.89 29.06 12.32
CA SER A 123 1.24 28.93 13.74
C SER A 123 0.10 29.35 14.66
N GLY A 124 -0.11 30.66 14.80
CA GLY A 124 -1.03 31.14 15.81
C GLY A 124 -2.09 32.12 15.36
N SER A 125 -3.36 31.69 15.41
CA SER A 125 -4.48 32.58 15.10
C SER A 125 -5.79 31.99 15.59
N ASP A 126 -6.09 32.16 16.88
CA ASP A 126 -7.31 31.58 17.45
C ASP A 126 -8.54 32.28 16.89
N TYR A 127 -9.44 31.47 16.34
CA TYR A 127 -10.61 31.95 15.62
C TYR A 127 -11.55 32.70 16.56
N GLU A 128 -11.87 32.09 17.72
CA GLU A 128 -12.71 32.75 18.72
C GLU A 128 -12.04 33.99 19.28
N PHE A 129 -10.72 33.95 19.45
CA PHE A 129 -10.00 35.12 19.95
C PHE A 129 -10.14 36.27 18.97
N LEU A 130 -9.91 36.00 17.67
CA LEU A 130 -9.97 37.06 16.68
C LEU A 130 -11.38 37.58 16.45
N LYS A 131 -12.41 36.72 16.52
CA LYS A 131 -13.77 37.27 16.49
C LYS A 131 -14.02 38.23 17.65
N SER A 132 -13.43 37.98 18.80
CA SER A 132 -13.62 38.91 19.92
C SER A 132 -12.99 40.26 19.64
N TRP A 133 -12.04 40.34 18.70
CA TRP A 133 -11.45 41.61 18.31
C TRP A 133 -12.49 42.51 17.67
N THR A 134 -12.29 43.82 17.84
CA THR A 134 -13.10 44.83 17.18
C THR A 134 -12.66 44.98 15.73
N VAL A 135 -13.52 45.60 14.92
CA VAL A 135 -13.21 45.76 13.50
C VAL A 135 -11.99 46.67 13.32
N GLU A 136 -11.89 47.73 14.13
CA GLU A 136 -10.76 48.65 13.99
C GLU A 136 -9.45 47.96 14.34
N ASP A 137 -9.45 47.15 15.40
CA ASP A 137 -8.27 46.39 15.76
C ASP A 137 -7.87 45.43 14.64
N LEU A 138 -8.83 44.69 14.09
CA LEU A 138 -8.55 43.80 12.98
C LEU A 138 -8.03 44.57 11.78
N GLN A 139 -8.71 45.66 11.41
CA GLN A 139 -8.30 46.44 10.24
C GLN A 139 -6.93 47.07 10.46
N LYS A 140 -6.64 47.53 11.68
CA LYS A 140 -5.34 48.13 11.95
C LYS A 140 -4.22 47.11 11.83
N ARG A 141 -4.41 45.92 12.41
CA ARG A 141 -3.42 44.86 12.28
C ARG A 141 -3.21 44.46 10.83
N LEU A 142 -4.30 44.36 10.05
CA LEU A 142 -4.19 43.95 8.64
C LEU A 142 -3.37 44.95 7.84
N LEU A 143 -3.73 46.23 7.91
CA LEU A 143 -3.03 47.25 7.13
C LEU A 143 -1.58 47.39 7.57
N ALA A 144 -1.29 47.10 8.85
CA ALA A 144 0.08 47.14 9.33
C ALA A 144 0.93 46.00 8.77
N LEU A 145 0.30 44.89 8.37
CA LEU A 145 1.07 43.73 7.92
C LEU A 145 1.71 43.99 6.56
N ASP A 146 1.13 44.88 5.76
CA ASP A 146 1.68 45.12 4.42
C ASP A 146 3.07 45.74 4.47
N PRO A 147 3.32 46.86 5.19
CA PRO A 147 4.68 47.43 5.17
C PRO A 147 5.74 46.46 5.65
N MET A 148 5.41 45.59 6.60
CA MET A 148 6.41 44.66 7.15
C MET A 148 6.78 43.60 6.13
N MET A 149 5.79 43.02 5.43
CA MET A 149 6.09 42.05 4.39
C MET A 149 6.93 42.67 3.28
N GLU A 150 6.63 43.92 2.93
CA GLU A 150 7.35 44.55 1.83
C GLU A 150 8.82 44.75 2.20
N GLN A 151 9.11 45.09 3.46
CA GLN A 151 10.50 45.28 3.82
C GLN A 151 11.25 43.96 3.80
N GLU A 152 10.58 42.86 4.20
CA GLU A 152 11.21 41.54 4.14
C GLU A 152 11.48 41.12 2.71
N ILE A 153 10.54 41.38 1.80
CA ILE A 153 10.74 41.07 0.39
C ILE A 153 11.85 41.92 -0.22
N GLU A 154 11.91 43.20 0.15
CA GLU A 154 12.94 44.09 -0.41
C GLU A 154 14.35 43.64 -0.01
N GLU A 155 14.52 43.18 1.23
CA GLU A 155 15.82 42.63 1.62
C GLU A 155 16.23 41.49 0.69
N ILE A 156 15.28 40.60 0.36
CA ILE A 156 15.58 39.52 -0.57
C ILE A 156 15.97 40.07 -1.92
N ARG A 157 15.23 41.06 -2.41
CA ARG A 157 15.50 41.61 -3.74
C ARG A 157 16.87 42.29 -3.78
N GLN A 158 17.25 43.00 -2.71
CA GLN A 158 18.57 43.61 -2.67
C GLN A 158 19.66 42.55 -2.57
N LYS A 159 19.44 41.54 -1.73
CA LYS A 159 20.38 40.44 -1.59
C LYS A 159 20.67 39.77 -2.94
N TYR A 160 19.64 39.63 -3.78
CA TYR A 160 19.83 38.97 -5.06
C TYR A 160 20.30 39.92 -6.16
N GLN A 161 20.04 41.23 -6.03
CA GLN A 161 20.61 42.17 -7.00
C GLN A 161 22.12 42.27 -6.87
N SER A 162 22.64 42.21 -5.64
CA SER A 162 24.08 42.20 -5.46
C SER A 162 24.71 40.89 -5.93
N LYS A 163 23.93 39.81 -6.01
CA LYS A 163 24.45 38.56 -6.54
C LYS A 163 24.52 38.57 -8.07
N ARG A 164 23.65 39.36 -8.71
CA ARG A 164 23.63 39.44 -10.16
C ARG A 164 24.75 40.31 -10.70
N GLN A 165 25.19 41.30 -9.90
CA GLN A 165 26.16 42.28 -10.39
C GLN A 165 27.48 41.64 -10.83
N PRO A 166 28.16 40.81 -10.02
CA PRO A 166 29.42 40.22 -10.51
C PRO A 166 29.22 39.42 -11.80
N ILE A 167 28.09 38.73 -11.94
CA ILE A 167 27.82 37.97 -13.16
C ILE A 167 27.60 38.92 -14.33
N LEU A 168 26.75 39.92 -14.15
CA LEU A 168 26.41 40.83 -15.25
C LEU A 168 27.63 41.61 -15.74
N ASP A 169 28.60 41.87 -14.86
CA ASP A 169 29.81 42.56 -15.29
C ASP A 169 30.66 41.67 -16.19
N ALA A 170 30.80 40.38 -15.83
CA ALA A 170 31.65 39.49 -16.62
C ALA A 170 31.06 39.22 -18.00
N ILE A 171 29.73 39.31 -18.14
CA ILE A 171 29.08 39.10 -19.42
C ILE A 171 29.39 40.26 -20.36
N ARG B 2 14.03 -1.98 10.59
CA ARG B 2 12.80 -2.06 9.80
C ARG B 2 12.92 -1.23 8.51
N ASP B 3 12.64 0.08 8.60
CA ASP B 3 12.81 0.95 7.44
C ASP B 3 14.27 1.01 7.04
N ILE B 4 14.52 1.09 5.74
CA ILE B 4 15.89 1.28 5.25
C ILE B 4 16.25 2.76 5.37
N VAL B 5 17.25 3.07 6.17
CA VAL B 5 17.69 4.45 6.33
C VAL B 5 18.84 4.71 5.36
N LEU B 6 18.74 5.80 4.62
CA LEU B 6 19.79 6.20 3.69
C LEU B 6 20.58 7.35 4.30
N THR B 7 21.87 7.13 4.53
CA THR B 7 22.75 8.16 5.04
C THR B 7 23.59 8.72 3.89
N GLN B 8 23.30 9.94 3.50
CA GLN B 8 23.91 10.60 2.36
C GLN B 8 24.91 11.64 2.84
N SER B 9 26.11 11.65 2.26
CA SER B 9 27.11 12.64 2.61
C SER B 9 27.85 13.12 1.35
N PRO B 10 28.31 14.37 1.34
CA PRO B 10 28.12 15.38 2.38
C PRO B 10 26.79 16.10 2.27
N ALA B 11 26.37 16.78 3.34
CA ALA B 11 25.19 17.63 3.26
C ALA B 11 25.44 18.79 2.29
N SER B 12 26.67 19.29 2.24
CA SER B 12 27.01 20.43 1.40
C SER B 12 28.38 20.19 0.77
N LEU B 13 28.48 20.48 -0.52
CA LEU B 13 29.70 20.22 -1.29
C LEU B 13 30.05 21.49 -2.05
N ALA B 14 31.11 22.18 -1.63
CA ALA B 14 31.64 23.33 -2.34
C ALA B 14 32.80 22.85 -3.19
N VAL B 15 32.65 22.95 -4.51
CA VAL B 15 33.63 22.38 -5.43
C VAL B 15 34.09 23.47 -6.38
N SER B 16 35.26 23.26 -6.96
CA SER B 16 35.79 24.14 -8.00
C SER B 16 35.35 23.62 -9.35
N LEU B 17 35.11 24.54 -10.28
CA LEU B 17 34.73 24.14 -11.64
C LEU B 17 35.88 23.33 -12.24
N GLY B 18 35.54 22.20 -12.85
CA GLY B 18 36.53 21.32 -13.44
C GLY B 18 36.96 20.16 -12.57
N GLN B 19 36.62 20.18 -11.28
CA GLN B 19 37.07 19.12 -10.38
C GLN B 19 36.11 17.95 -10.41
N ARG B 20 36.47 16.89 -9.69
CA ARG B 20 35.58 15.77 -9.45
C ARG B 20 34.77 16.01 -8.19
N ALA B 21 33.46 15.77 -8.27
CA ALA B 21 32.59 15.74 -7.10
C ALA B 21 32.09 14.31 -6.90
N THR B 22 32.10 13.86 -5.66
CA THR B 22 31.59 12.54 -5.30
C THR B 22 30.61 12.67 -4.15
N ILE B 23 29.47 12.00 -4.28
CA ILE B 23 28.42 12.00 -3.27
C ILE B 23 28.17 10.57 -2.85
N SER B 24 28.01 10.34 -1.55
CA SER B 24 27.99 9.00 -1.01
C SER B 24 26.64 8.74 -0.35
N CYS B 25 26.18 7.50 -0.47
CA CYS B 25 24.94 7.05 0.15
C CYS B 25 25.23 5.69 0.76
N ARG B 26 24.98 5.55 2.07
CA ARG B 26 25.11 4.27 2.75
C ARG B 26 23.75 3.87 3.27
N ALA B 27 23.31 2.65 2.93
CA ALA B 27 22.00 2.15 3.35
C ALA B 27 22.14 1.30 4.60
N SER B 28 21.10 1.32 5.43
CA SER B 28 21.16 0.56 6.68
C SER B 28 21.05 -0.94 6.44
N GLU B 29 20.57 -1.36 5.28
CA GLU B 29 20.58 -2.77 4.88
C GLU B 29 20.65 -2.82 3.36
N SER B 30 20.87 -4.03 2.83
CA SER B 30 21.08 -4.19 1.39
C SER B 30 19.85 -3.75 0.61
N VAL B 31 20.09 -3.09 -0.53
CA VAL B 31 19.02 -2.72 -1.44
C VAL B 31 19.03 -3.61 -2.70
N GLU B 32 19.73 -4.74 -2.65
CA GLU B 32 19.78 -5.67 -3.76
C GLU B 32 18.50 -6.49 -3.85
N TYR B 33 18.13 -6.88 -5.08
CA TYR B 33 16.89 -7.64 -5.29
C TYR B 33 17.03 -8.50 -6.55
N TYR B 34 17.42 -9.76 -6.37
CA TYR B 34 17.44 -10.76 -7.43
C TYR B 34 18.10 -10.24 -8.71
N GLY B 35 19.35 -9.81 -8.57
CA GLY B 35 20.13 -9.40 -9.72
C GLY B 35 19.95 -7.98 -10.17
N THR B 36 19.32 -7.13 -9.34
CA THR B 36 19.28 -5.70 -9.58
C THR B 36 19.36 -5.00 -8.23
N THR B 37 19.86 -3.76 -8.26
CA THR B 37 20.11 -2.97 -7.07
C THR B 37 19.23 -1.73 -7.12
N LEU B 38 18.27 -1.63 -6.21
CA LEU B 38 17.20 -0.64 -6.34
C LEU B 38 17.59 0.70 -5.71
N MET B 39 18.66 1.31 -6.23
CA MET B 39 19.18 2.57 -5.73
C MET B 39 19.22 3.58 -6.89
N GLN B 40 18.63 4.76 -6.69
CA GLN B 40 18.49 5.81 -7.68
C GLN B 40 19.17 7.10 -7.24
N TRP B 41 19.61 7.92 -8.20
CA TRP B 41 20.13 9.24 -7.89
C TRP B 41 19.32 10.26 -8.68
N TYR B 42 18.92 11.35 -8.04
CA TYR B 42 18.16 12.42 -8.68
C TYR B 42 18.88 13.74 -8.52
N GLN B 43 18.68 14.62 -9.49
CA GLN B 43 19.18 15.98 -9.45
C GLN B 43 18.00 16.93 -9.32
N GLN B 44 18.13 17.97 -8.51
CA GLN B 44 17.02 18.93 -8.40
C GLN B 44 17.54 20.35 -8.41
N LYS B 45 17.08 21.15 -9.42
CA LYS B 45 17.31 22.58 -9.53
C LYS B 45 16.15 23.35 -8.91
N PRO B 46 16.41 24.54 -8.38
CA PRO B 46 15.35 25.34 -7.75
C PRO B 46 14.16 25.56 -8.67
N GLY B 47 12.96 25.24 -8.14
CA GLY B 47 11.72 25.42 -8.87
C GLY B 47 11.47 24.45 -9.99
N GLN B 48 12.34 23.45 -10.18
N GLN B 48 12.33 23.45 -10.16
CA GLN B 48 12.23 22.49 -11.27
CA GLN B 48 12.18 22.50 -11.25
C GLN B 48 11.88 21.11 -10.73
C GLN B 48 11.87 21.12 -10.72
N PRO B 49 11.23 20.27 -11.51
CA PRO B 49 11.04 18.89 -11.10
C PRO B 49 12.37 18.19 -10.91
N PRO B 50 12.52 17.41 -9.84
CA PRO B 50 13.66 16.50 -9.76
C PRO B 50 13.79 15.71 -11.06
N LYS B 51 15.02 15.46 -11.46
CA LYS B 51 15.34 14.76 -12.69
C LYS B 51 16.10 13.48 -12.33
N LEU B 52 15.65 12.34 -12.85
CA LEU B 52 16.38 11.10 -12.67
C LEU B 52 17.72 11.12 -13.39
N LEU B 53 18.79 10.78 -12.66
CA LEU B 53 20.12 10.68 -13.24
C LEU B 53 20.55 9.24 -13.43
N ILE B 54 20.44 8.44 -12.36
CA ILE B 54 20.95 7.09 -12.29
C ILE B 54 19.88 6.20 -11.68
N TYR B 55 19.66 5.04 -12.26
CA TYR B 55 18.78 4.06 -11.63
C TYR B 55 19.50 2.72 -11.61
N ALA B 56 18.97 1.81 -10.77
CA ALA B 56 19.60 0.51 -10.53
C ALA B 56 21.12 0.65 -10.30
N ALA B 57 21.49 1.68 -9.51
CA ALA B 57 22.84 1.95 -9.01
C ALA B 57 23.80 2.52 -10.06
N SER B 58 23.77 2.00 -11.29
CA SER B 58 24.79 2.38 -12.28
C SER B 58 24.25 2.66 -13.69
N LYS B 59 22.95 2.54 -13.91
CA LYS B 59 22.39 2.77 -15.23
C LYS B 59 22.07 4.25 -15.40
N VAL B 60 22.53 4.82 -16.51
CA VAL B 60 22.32 6.25 -16.78
C VAL B 60 21.03 6.42 -17.57
N GLU B 61 20.19 7.35 -17.13
CA GLU B 61 18.93 7.64 -17.80
C GLU B 61 19.19 8.43 -19.08
N SER B 62 18.26 8.32 -20.03
CA SER B 62 18.43 9.07 -21.28
C SER B 62 18.43 10.56 -21.00
N GLY B 63 19.20 11.30 -21.79
CA GLY B 63 19.32 12.73 -21.63
C GLY B 63 20.17 13.19 -20.46
N VAL B 64 20.99 12.32 -19.88
CA VAL B 64 21.86 12.69 -18.78
C VAL B 64 23.28 12.80 -19.31
N PRO B 65 24.00 13.88 -19.01
CA PRO B 65 25.38 14.03 -19.51
C PRO B 65 26.28 12.89 -19.10
N ALA B 66 27.28 12.60 -19.95
CA ALA B 66 28.22 11.52 -19.66
C ALA B 66 29.12 11.82 -18.48
N ARG B 67 29.07 13.03 -17.92
CA ARG B 67 29.85 13.37 -16.74
C ARG B 67 29.35 12.69 -15.48
N PHE B 68 28.16 12.11 -15.52
CA PHE B 68 27.55 11.48 -14.35
C PHE B 68 27.72 9.97 -14.46
N SER B 69 28.10 9.35 -13.35
CA SER B 69 28.16 7.91 -13.28
C SER B 69 27.75 7.47 -11.88
N GLY B 70 27.18 6.28 -11.77
CA GLY B 70 26.83 5.70 -10.49
C GLY B 70 27.55 4.39 -10.28
N SER B 71 27.89 4.10 -9.02
CA SER B 71 28.52 2.84 -8.68
C SER B 71 28.13 2.44 -7.25
N GLY B 72 28.42 1.20 -6.93
CA GLY B 72 28.13 0.70 -5.60
C GLY B 72 27.42 -0.63 -5.64
N SER B 73 27.41 -1.31 -4.50
CA SER B 73 26.74 -2.60 -4.35
C SER B 73 26.31 -2.73 -2.89
N GLY B 74 25.30 -3.56 -2.66
CA GLY B 74 24.86 -3.84 -1.30
C GLY B 74 24.34 -2.61 -0.58
N THR B 75 25.19 -1.99 0.25
CA THR B 75 24.79 -0.83 1.05
C THR B 75 25.50 0.47 0.69
N ASP B 76 26.64 0.43 0.01
CA ASP B 76 27.46 1.61 -0.26
C ASP B 76 27.33 2.01 -1.72
N PHE B 77 26.92 3.25 -1.96
CA PHE B 77 26.73 3.76 -3.32
C PHE B 77 27.38 5.12 -3.43
N SER B 78 27.77 5.49 -4.65
CA SER B 78 28.33 6.82 -4.86
C SER B 78 27.89 7.35 -6.22
N LEU B 79 27.69 8.66 -6.28
CA LEU B 79 27.45 9.38 -7.52
C LEU B 79 28.73 10.16 -7.82
N ASN B 80 29.21 10.09 -9.05
CA ASN B 80 30.44 10.77 -9.44
C ASN B 80 30.14 11.73 -10.58
N ILE B 81 30.59 12.97 -10.43
CA ILE B 81 30.44 13.99 -11.45
C ILE B 81 31.82 14.51 -11.82
N HIS B 82 32.20 14.34 -13.07
CA HIS B 82 33.53 14.73 -13.51
C HIS B 82 33.54 14.97 -15.01
N PRO B 83 33.98 16.15 -15.47
CA PRO B 83 34.32 17.29 -14.62
C PRO B 83 33.06 18.08 -14.24
N VAL B 84 33.09 18.78 -13.11
CA VAL B 84 31.94 19.57 -12.71
C VAL B 84 31.84 20.82 -13.57
N GLU B 85 30.63 21.09 -14.06
CA GLU B 85 30.31 22.23 -14.90
C GLU B 85 29.22 23.05 -14.23
N GLU B 86 29.01 24.26 -14.75
CA GLU B 86 28.01 25.17 -14.18
C GLU B 86 26.63 24.53 -14.09
N ASP B 87 26.27 23.70 -15.08
CA ASP B 87 24.93 23.11 -15.12
C ASP B 87 24.72 22.09 -14.01
N ASP B 88 25.78 21.68 -13.32
CA ASP B 88 25.71 20.67 -12.27
C ASP B 88 25.47 21.25 -10.89
N VAL B 89 25.51 22.58 -10.74
CA VAL B 89 25.12 23.22 -9.48
C VAL B 89 23.66 22.89 -9.18
N ALA B 90 23.42 22.11 -8.13
CA ALA B 90 22.07 21.57 -7.90
C ALA B 90 22.04 20.84 -6.54
N MET B 91 20.84 20.43 -6.16
CA MET B 91 20.59 19.50 -5.07
C MET B 91 20.59 18.09 -5.65
N TYR B 92 21.21 17.13 -4.95
CA TYR B 92 21.23 15.74 -5.37
C TYR B 92 20.74 14.87 -4.23
N PHE B 93 20.03 13.79 -4.55
CA PHE B 93 19.63 12.87 -3.48
C PHE B 93 19.54 11.45 -4.01
N CYS B 94 19.80 10.48 -3.10
CA CYS B 94 19.63 9.07 -3.42
C CYS B 94 18.24 8.62 -2.97
N GLN B 95 17.85 7.45 -3.44
CA GLN B 95 16.52 6.90 -3.18
C GLN B 95 16.57 5.39 -3.34
N GLN B 96 16.03 4.65 -2.37
CA GLN B 96 15.99 3.21 -2.46
C GLN B 96 14.57 2.74 -2.73
N SER B 97 14.45 1.66 -3.50
CA SER B 97 13.17 1.07 -3.86
C SER B 97 13.08 -0.38 -3.42
N ARG B 98 14.00 -0.84 -2.58
CA ARG B 98 14.03 -2.24 -2.18
C ARG B 98 12.88 -2.59 -1.26
N LYS B 99 12.53 -1.69 -0.34
CA LYS B 99 11.49 -1.98 0.63
C LYS B 99 10.59 -0.77 0.82
N VAL B 100 9.32 -1.04 1.12
CA VAL B 100 8.35 -0.02 1.51
C VAL B 100 8.49 0.14 3.02
N PRO B 101 8.61 1.38 3.55
CA PRO B 101 8.50 2.65 2.82
C PRO B 101 9.71 2.98 1.97
N LEU B 102 9.46 3.57 0.80
CA LEU B 102 10.54 4.16 0.03
C LEU B 102 11.20 5.24 0.89
N THR B 103 12.52 5.35 0.79
CA THR B 103 13.24 6.33 1.60
C THR B 103 14.27 7.04 0.72
N PHE B 104 14.68 8.21 1.18
CA PHE B 104 15.53 9.13 0.44
C PHE B 104 16.73 9.51 1.29
N GLY B 105 17.87 9.75 0.66
CA GLY B 105 18.93 10.47 1.33
C GLY B 105 18.51 11.89 1.64
N ALA B 106 19.18 12.50 2.64
CA ALA B 106 18.79 13.84 3.08
C ALA B 106 19.28 14.95 2.16
N GLY B 107 20.08 14.62 1.16
CA GLY B 107 20.41 15.61 0.14
C GLY B 107 21.84 16.10 0.23
N THR B 108 22.40 16.47 -0.92
CA THR B 108 23.68 17.16 -1.02
C THR B 108 23.49 18.40 -1.88
N LYS B 109 23.77 19.56 -1.29
CA LYS B 109 23.76 20.81 -2.02
C LYS B 109 25.16 21.01 -2.61
N LEU B 110 25.23 20.96 -3.93
CA LEU B 110 26.48 21.16 -4.66
C LEU B 110 26.56 22.61 -5.10
N GLU B 111 27.55 23.34 -4.59
CA GLU B 111 27.77 24.74 -4.88
C GLU B 111 29.17 24.93 -5.42
N LEU B 112 29.39 26.06 -6.10
CA LEU B 112 30.70 26.37 -6.65
C LEU B 112 31.46 27.31 -5.71
N LYS B 113 32.78 27.23 -5.74
CA LYS B 113 33.61 28.14 -4.96
C LYS B 113 34.07 29.35 -5.79
N TRP B 124 35.25 32.30 -18.11
CA TRP B 124 33.92 31.71 -18.07
C TRP B 124 33.09 32.18 -19.26
N THR B 125 32.38 31.25 -19.89
CA THR B 125 31.61 31.58 -21.08
C THR B 125 30.38 32.42 -20.74
N VAL B 126 29.88 33.14 -21.76
CA VAL B 126 28.64 33.91 -21.60
C VAL B 126 27.45 32.99 -21.41
N GLU B 127 27.48 31.80 -22.03
CA GLU B 127 26.39 30.85 -21.85
C GLU B 127 26.32 30.36 -20.41
N ASP B 128 27.47 30.06 -19.81
CA ASP B 128 27.51 29.64 -18.42
C ASP B 128 27.14 30.79 -17.48
N LEU B 129 27.57 32.00 -17.81
CA LEU B 129 27.26 33.14 -16.96
C LEU B 129 25.78 33.51 -17.05
N GLN B 130 25.16 33.32 -18.21
CA GLN B 130 23.71 33.55 -18.31
C GLN B 130 22.93 32.46 -17.60
N LYS B 131 23.39 31.20 -17.71
CA LYS B 131 22.77 30.13 -16.94
C LYS B 131 22.80 30.44 -15.45
N ARG B 132 23.95 30.93 -14.96
CA ARG B 132 24.06 31.30 -13.55
C ARG B 132 23.16 32.49 -13.23
N LEU B 133 23.13 33.49 -14.12
CA LEU B 133 22.23 34.62 -13.94
C LEU B 133 20.78 34.17 -13.89
N LEU B 134 20.38 33.35 -14.86
CA LEU B 134 19.02 32.82 -14.89
C LEU B 134 18.72 31.99 -13.64
N ALA B 135 19.69 31.21 -13.17
CA ALA B 135 19.46 30.34 -12.02
C ALA B 135 19.14 31.11 -10.75
N LEU B 136 19.48 32.40 -10.68
CA LEU B 136 19.21 33.18 -9.48
C LEU B 136 17.71 33.45 -9.30
N ASP B 137 16.96 33.52 -10.41
CA ASP B 137 15.58 33.96 -10.30
C ASP B 137 14.70 32.95 -9.57
N PRO B 138 14.74 31.65 -9.87
CA PRO B 138 13.87 30.72 -9.11
C PRO B 138 14.23 30.65 -7.63
N MET B 139 15.49 30.89 -7.26
CA MET B 139 15.87 30.90 -5.85
C MET B 139 15.26 32.11 -5.15
N MET B 140 15.33 33.29 -5.78
CA MET B 140 14.66 34.46 -5.24
C MET B 140 13.16 34.22 -5.09
N GLU B 141 12.52 33.72 -6.17
CA GLU B 141 11.08 33.51 -6.15
C GLU B 141 10.67 32.58 -5.02
N GLN B 142 11.50 31.56 -4.75
CA GLN B 142 11.22 30.61 -3.66
C GLN B 142 11.27 31.29 -2.30
N GLU B 143 12.28 32.14 -2.08
CA GLU B 143 12.41 32.87 -0.83
C GLU B 143 11.27 33.88 -0.63
N ILE B 144 10.88 34.59 -1.69
CA ILE B 144 9.77 35.52 -1.54
C ILE B 144 8.47 34.77 -1.26
N GLU B 145 8.24 33.65 -1.95
CA GLU B 145 7.02 32.89 -1.72
C GLU B 145 6.89 32.42 -0.27
N GLU B 146 8.00 31.99 0.34
N GLU B 146 8.00 31.99 0.34
CA GLU B 146 8.00 31.67 1.76
CA GLU B 146 7.96 31.67 1.77
C GLU B 146 7.52 32.86 2.59
C GLU B 146 7.51 32.87 2.60
N ILE B 147 8.01 34.06 2.26
CA ILE B 147 7.58 35.26 2.95
C ILE B 147 6.09 35.50 2.73
N ARG B 148 5.63 35.35 1.48
CA ARG B 148 4.22 35.61 1.20
C ARG B 148 3.32 34.65 1.96
N GLN B 149 3.70 33.37 2.01
CA GLN B 149 2.85 32.39 2.69
C GLN B 149 2.85 32.61 4.19
N LYS B 150 3.99 33.02 4.75
CA LYS B 150 4.06 33.34 6.17
C LYS B 150 3.10 34.47 6.52
N TYR B 151 3.02 35.48 5.67
CA TYR B 151 2.13 36.61 5.95
C TYR B 151 0.68 36.31 5.60
N GLN B 152 0.42 35.41 4.64
CA GLN B 152 -0.97 35.06 4.40
C GLN B 152 -1.54 34.29 5.60
N CYS B 153 -0.66 33.56 6.30
CA CYS B 153 -1.05 32.88 7.53
C CYS B 153 -1.56 33.87 8.58
N LYS B 154 -1.02 35.08 8.60
CA LYS B 154 -1.46 36.11 9.54
C LYS B 154 -2.61 36.93 8.98
N ARG B 155 -2.68 37.14 7.66
CA ARG B 155 -3.73 37.99 7.08
C ARG B 155 -5.07 37.28 7.02
N GLN B 156 -5.09 36.03 6.58
CA GLN B 156 -6.35 35.38 6.29
C GLN B 156 -7.23 35.19 7.52
N PRO B 157 -6.71 34.85 8.71
CA PRO B 157 -7.59 34.83 9.88
C PRO B 157 -8.22 36.17 10.16
N ILE B 158 -7.51 37.26 9.88
CA ILE B 158 -8.05 38.59 10.12
C ILE B 158 -9.13 38.93 9.11
N LEU B 159 -8.87 38.63 7.84
CA LEU B 159 -9.86 38.90 6.80
C LEU B 159 -11.10 38.05 7.02
N ASP B 160 -10.92 36.82 7.50
CA ASP B 160 -12.06 35.95 7.78
C ASP B 160 -12.85 36.45 8.97
N ALA B 161 -12.20 37.10 9.93
CA ALA B 161 -12.92 37.65 11.07
C ALA B 161 -13.78 38.84 10.65
N ILE B 162 -13.25 39.68 9.76
CA ILE B 162 -14.01 40.84 9.28
C ILE B 162 -15.21 40.40 8.46
N GLU B 163 -15.02 39.41 7.57
CA GLU B 163 -16.11 38.96 6.72
C GLU B 163 -17.24 38.35 7.54
N ALA B 164 -16.91 37.61 8.60
CA ALA B 164 -17.94 37.03 9.46
C ALA B 164 -18.78 38.11 10.12
N LYS B 165 -18.14 39.19 10.57
CA LYS B 165 -18.85 40.32 11.16
C LYS B 165 -19.77 40.98 10.13
N MET C 1 12.64 -10.05 -15.01
CA MET C 1 11.33 -10.17 -14.36
C MET C 1 10.77 -8.81 -13.97
N PRO C 2 9.71 -8.38 -14.65
CA PRO C 2 9.13 -7.07 -14.33
C PRO C 2 8.64 -7.05 -12.89
N ILE C 3 8.71 -5.88 -12.28
CA ILE C 3 8.15 -5.64 -10.95
C ILE C 3 6.89 -4.80 -11.16
N TRP C 4 5.71 -5.45 -11.09
CA TRP C 4 4.47 -4.76 -11.43
C TRP C 4 4.01 -3.82 -10.32
N LYS C 5 4.17 -4.23 -9.07
CA LYS C 5 3.82 -3.40 -7.92
C LYS C 5 5.11 -2.95 -7.24
N PHE C 6 5.36 -3.43 -6.02
CA PHE C 6 6.63 -3.19 -5.35
C PHE C 6 7.40 -4.49 -5.28
N PRO C 7 8.72 -4.44 -5.04
CA PRO C 7 9.49 -5.68 -4.91
C PRO C 7 8.90 -6.62 -3.89
N ASP C 8 8.62 -7.85 -4.29
CA ASP C 8 8.00 -8.83 -3.41
C ASP C 8 8.71 -10.18 -3.47
N GLN D 3 10.43 -16.76 11.06
CA GLN D 3 8.97 -16.83 11.01
C GLN D 3 8.47 -17.11 9.61
N VAL D 4 7.51 -18.00 9.47
CA VAL D 4 7.00 -18.37 8.15
C VAL D 4 5.82 -17.46 7.81
N THR D 5 5.90 -16.80 6.67
CA THR D 5 4.83 -15.92 6.21
C THR D 5 4.50 -16.22 4.76
N LEU D 6 3.21 -16.09 4.42
CA LEU D 6 2.68 -16.33 3.10
C LEU D 6 1.83 -15.13 2.70
N LYS D 7 1.99 -14.65 1.47
CA LYS D 7 1.27 -13.44 1.06
C LYS D 7 0.80 -13.59 -0.37
N GLU D 8 -0.52 -13.62 -0.55
CA GLU D 8 -1.14 -13.72 -1.86
C GLU D 8 -1.29 -12.35 -2.49
N SER D 9 -1.11 -12.29 -3.81
CA SER D 9 -1.42 -11.11 -4.58
C SER D 9 -2.18 -11.53 -5.83
N GLY D 10 -2.99 -10.63 -6.34
CA GLY D 10 -3.79 -10.93 -7.50
C GLY D 10 -4.21 -9.66 -8.20
N PRO D 11 -5.09 -9.82 -9.19
CA PRO D 11 -5.47 -8.68 -10.04
C PRO D 11 -6.46 -7.74 -9.40
N GLY D 12 -7.17 -8.17 -8.37
CA GLY D 12 -8.34 -7.44 -7.91
C GLY D 12 -9.59 -7.86 -8.68
N ILE D 13 -10.05 -7.01 -9.58
CA ILE D 13 -11.20 -7.34 -10.40
C ILE D 13 -10.71 -7.91 -11.73
N LEU D 14 -11.63 -8.58 -12.43
CA LEU D 14 -11.34 -9.36 -13.62
C LEU D 14 -12.61 -9.43 -14.45
N GLN D 15 -12.45 -9.39 -15.85
CA GLN D 15 -13.65 -9.60 -16.64
C GLN D 15 -13.85 -11.08 -16.94
N PRO D 16 -15.08 -11.52 -17.18
CA PRO D 16 -15.32 -12.92 -17.53
C PRO D 16 -14.46 -13.35 -18.71
N SER D 17 -14.04 -14.62 -18.67
CA SER D 17 -13.24 -15.28 -19.72
C SER D 17 -11.78 -14.85 -19.68
N GLN D 18 -11.43 -13.89 -18.83
CA GLN D 18 -10.03 -13.60 -18.64
C GLN D 18 -9.38 -14.69 -17.79
N THR D 19 -8.06 -14.72 -17.79
CA THR D 19 -7.34 -15.68 -16.96
C THR D 19 -6.98 -15.03 -15.63
N LEU D 20 -7.27 -15.75 -14.53
CA LEU D 20 -6.87 -15.33 -13.19
C LEU D 20 -5.45 -15.80 -12.91
N SER D 21 -4.56 -14.87 -12.59
CA SER D 21 -3.16 -15.16 -12.29
C SER D 21 -2.86 -14.71 -10.87
N LEU D 22 -2.48 -15.67 -10.03
CA LEU D 22 -2.27 -15.41 -8.62
C LEU D 22 -0.81 -15.68 -8.29
N THR D 23 -0.28 -14.93 -7.33
CA THR D 23 1.06 -15.17 -6.79
C THR D 23 0.99 -15.34 -5.28
N CYS D 24 1.71 -16.35 -4.78
CA CYS D 24 1.95 -16.54 -3.35
C CYS D 24 3.44 -16.34 -3.09
N SER D 25 3.80 -15.23 -2.45
CA SER D 25 5.17 -14.94 -2.07
C SER D 25 5.36 -15.37 -0.61
N PHE D 26 6.41 -16.12 -0.32
CA PHE D 26 6.58 -16.66 1.03
C PHE D 26 7.99 -16.38 1.56
N SER D 27 8.14 -16.50 2.88
CA SER D 27 9.42 -16.30 3.54
C SER D 27 9.49 -17.20 4.76
N GLY D 28 10.70 -17.43 5.24
CA GLY D 28 10.91 -18.32 6.37
C GLY D 28 11.13 -19.77 5.99
N PHE D 29 11.04 -20.10 4.71
CA PHE D 29 11.31 -21.47 4.24
C PHE D 29 11.61 -21.40 2.75
N SER D 30 12.08 -22.53 2.21
CA SER D 30 12.40 -22.62 0.79
C SER D 30 11.76 -23.87 0.19
N LEU D 31 11.31 -23.75 -1.05
CA LEU D 31 10.83 -24.91 -1.78
C LEU D 31 11.97 -25.74 -2.37
N SER D 32 13.20 -25.40 -2.00
CA SER D 32 14.34 -26.28 -2.21
C SER D 32 14.45 -27.34 -1.13
N THR D 33 13.65 -27.23 -0.06
CA THR D 33 13.73 -28.15 1.06
C THR D 33 12.78 -29.31 0.81
N SER D 34 13.32 -30.52 0.87
CA SER D 34 12.47 -31.70 0.65
C SER D 34 11.38 -31.75 1.71
N GLY D 35 10.18 -32.11 1.28
CA GLY D 35 9.03 -32.18 2.16
C GLY D 35 8.17 -30.93 2.23
N MET D 36 8.61 -29.83 1.66
CA MET D 36 7.82 -28.61 1.65
C MET D 36 6.83 -28.63 0.48
N GLY D 37 5.69 -27.94 0.64
CA GLY D 37 4.73 -27.83 -0.44
C GLY D 37 3.67 -26.80 -0.11
N VAL D 38 2.97 -26.33 -1.14
CA VAL D 38 2.06 -25.20 -1.02
C VAL D 38 0.78 -25.49 -1.79
N SER D 39 -0.38 -25.22 -1.17
CA SER D 39 -1.68 -25.41 -1.79
C SER D 39 -2.31 -24.06 -2.06
N TRP D 40 -3.21 -24.03 -3.06
CA TRP D 40 -4.13 -22.93 -3.26
C TRP D 40 -5.53 -23.39 -2.86
N ILE D 41 -6.23 -22.56 -2.09
CA ILE D 41 -7.58 -22.84 -1.61
C ILE D 41 -8.42 -21.57 -1.78
N ARG D 42 -9.71 -21.72 -2.09
CA ARG D 42 -10.52 -20.53 -2.26
C ARG D 42 -11.81 -20.63 -1.46
N GLN D 43 -12.42 -19.47 -1.25
CA GLN D 43 -13.65 -19.36 -0.50
C GLN D 43 -14.50 -18.23 -1.06
N PRO D 44 -15.59 -18.53 -1.76
CA PRO D 44 -16.59 -17.49 -2.05
C PRO D 44 -17.05 -16.84 -0.75
N SER D 45 -17.37 -15.55 -0.83
CA SER D 45 -17.70 -14.74 0.34
C SER D 45 -18.81 -15.38 1.18
N GLY D 46 -18.46 -15.77 2.40
CA GLY D 46 -19.42 -16.35 3.33
C GLY D 46 -19.84 -17.76 2.98
N LYS D 47 -19.00 -18.50 2.26
CA LYS D 47 -19.36 -19.83 1.80
C LYS D 47 -18.26 -20.81 2.20
N GLY D 48 -18.23 -21.96 1.52
CA GLY D 48 -17.32 -23.00 1.92
C GLY D 48 -15.92 -22.84 1.35
N LEU D 49 -15.04 -23.72 1.79
CA LEU D 49 -13.65 -23.74 1.33
C LEU D 49 -13.49 -24.84 0.28
N GLU D 50 -12.76 -24.52 -0.80
CA GLU D 50 -12.54 -25.43 -1.92
C GLU D 50 -11.04 -25.50 -2.24
N TRP D 51 -10.47 -26.69 -2.13
CA TRP D 51 -9.06 -26.91 -2.42
C TRP D 51 -8.85 -27.03 -3.93
N LEU D 52 -7.86 -26.29 -4.44
CA LEU D 52 -7.62 -26.19 -5.89
C LEU D 52 -6.47 -27.07 -6.38
N ALA D 53 -5.29 -26.91 -5.81
CA ALA D 53 -4.09 -27.56 -6.29
C ALA D 53 -3.00 -27.47 -5.22
N HIS D 54 -2.02 -28.37 -5.33
CA HIS D 54 -0.87 -28.40 -4.45
C HIS D 54 0.37 -28.66 -5.29
N ILE D 55 1.47 -28.01 -4.91
CA ILE D 55 2.75 -28.19 -5.60
C ILE D 55 3.81 -28.52 -4.55
N PHE D 56 4.59 -29.57 -4.81
CA PHE D 56 5.63 -30.01 -3.89
C PHE D 56 6.98 -29.47 -4.32
N TRP D 57 7.96 -29.59 -3.40
CA TRP D 57 9.32 -29.09 -3.62
C TRP D 57 9.94 -29.63 -4.90
N ASP D 58 9.55 -30.83 -5.32
CA ASP D 58 10.15 -31.44 -6.50
C ASP D 58 9.35 -31.20 -7.78
N ASP D 59 8.45 -30.21 -7.78
CA ASP D 59 7.64 -29.83 -8.93
C ASP D 59 6.54 -30.85 -9.25
N ASP D 60 6.25 -31.74 -8.31
CA ASP D 60 5.11 -32.64 -8.40
C ASP D 60 3.83 -31.85 -8.12
N LYS D 61 2.87 -31.90 -9.04
CA LYS D 61 1.67 -31.08 -8.96
C LYS D 61 0.44 -31.97 -8.86
N ARG D 62 -0.45 -31.66 -7.91
CA ARG D 62 -1.72 -32.36 -7.73
C ARG D 62 -2.85 -31.36 -7.86
N TYR D 63 -3.93 -31.76 -8.52
CA TYR D 63 -5.02 -30.85 -8.82
C TYR D 63 -6.35 -31.42 -8.37
N ASN D 64 -7.27 -30.52 -8.06
CA ASN D 64 -8.66 -30.93 -7.88
C ASN D 64 -9.18 -31.49 -9.20
N PRO D 65 -9.64 -32.75 -9.23
CA PRO D 65 -9.97 -33.38 -10.53
C PRO D 65 -11.04 -32.67 -11.32
N SER D 66 -12.08 -32.16 -10.67
CA SER D 66 -13.16 -31.51 -11.40
C SER D 66 -12.73 -30.19 -12.02
N LEU D 67 -11.63 -29.60 -11.54
CA LEU D 67 -11.17 -28.31 -12.00
C LEU D 67 -9.87 -28.39 -12.80
N LYS D 68 -9.31 -29.58 -12.98
CA LYS D 68 -7.96 -29.70 -13.52
C LYS D 68 -7.84 -29.04 -14.89
N SER D 69 -8.89 -29.06 -15.71
CA SER D 69 -8.77 -28.51 -17.05
C SER D 69 -8.57 -27.00 -17.03
N ARG D 70 -8.83 -26.34 -15.89
CA ARG D 70 -8.75 -24.89 -15.83
C ARG D 70 -7.57 -24.40 -15.03
N LEU D 71 -6.81 -25.29 -14.41
CA LEU D 71 -5.83 -24.92 -13.40
C LEU D 71 -4.42 -25.26 -13.85
N THR D 72 -3.49 -24.36 -13.54
CA THR D 72 -2.06 -24.63 -13.67
C THR D 72 -1.36 -24.05 -12.45
N ILE D 73 -0.74 -24.90 -11.65
CA ILE D 73 0.07 -24.43 -10.52
C ILE D 73 1.53 -24.53 -10.92
N SER D 74 2.35 -23.60 -10.43
CA SER D 74 3.77 -23.60 -10.71
C SER D 74 4.52 -22.86 -9.60
N LYS D 75 5.86 -22.87 -9.69
CA LYS D 75 6.68 -22.22 -8.68
C LYS D 75 7.91 -21.59 -9.31
N ASP D 76 8.43 -20.56 -8.65
CA ASP D 76 9.78 -20.04 -8.86
C ASP D 76 10.53 -20.11 -7.52
N THR D 77 11.24 -21.21 -7.31
CA THR D 77 11.92 -21.43 -6.04
C THR D 77 12.98 -20.36 -5.77
N SER D 78 13.70 -19.91 -6.81
CA SER D 78 14.72 -18.90 -6.62
C SER D 78 14.15 -17.56 -6.14
N ARG D 79 12.87 -17.30 -6.37
CA ARG D 79 12.22 -16.05 -5.97
C ARG D 79 11.20 -16.24 -4.86
N ASN D 80 11.13 -17.44 -4.28
CA ASN D 80 10.21 -17.71 -3.17
C ASN D 80 8.77 -17.38 -3.58
N LYS D 81 8.35 -17.88 -4.77
CA LYS D 81 7.00 -17.67 -5.25
C LYS D 81 6.37 -18.98 -5.72
N VAL D 82 5.06 -19.09 -5.49
CA VAL D 82 4.20 -20.13 -6.07
C VAL D 82 3.09 -19.42 -6.82
N PHE D 83 2.67 -19.98 -7.95
CA PHE D 83 1.72 -19.30 -8.82
C PHE D 83 0.51 -20.19 -9.09
N LEU D 84 -0.63 -19.57 -9.35
CA LEU D 84 -1.81 -20.28 -9.86
C LEU D 84 -2.41 -19.51 -11.03
N LYS D 85 -2.73 -20.24 -12.10
CA LYS D 85 -3.47 -19.73 -13.25
C LYS D 85 -4.82 -20.44 -13.31
N ILE D 86 -5.90 -19.67 -13.40
CA ILE D 86 -7.23 -20.24 -13.61
C ILE D 86 -7.80 -19.66 -14.89
N THR D 87 -8.08 -20.52 -15.87
CA THR D 87 -8.49 -20.04 -17.19
C THR D 87 -9.96 -19.65 -17.22
N SER D 88 -10.29 -18.76 -18.15
CA SER D 88 -11.65 -18.32 -18.49
C SER D 88 -12.57 -18.22 -17.27
N VAL D 89 -12.37 -17.20 -16.44
CA VAL D 89 -13.15 -17.07 -15.20
C VAL D 89 -14.60 -16.68 -15.51
N ASP D 90 -15.48 -16.97 -14.55
CA ASP D 90 -16.85 -16.52 -14.59
C ASP D 90 -17.20 -16.10 -13.16
N THR D 91 -18.42 -15.63 -12.95
CA THR D 91 -18.74 -15.03 -11.65
C THR D 91 -18.56 -16.02 -10.49
N ALA D 92 -18.69 -17.32 -10.75
CA ALA D 92 -18.48 -18.30 -9.68
C ALA D 92 -17.04 -18.34 -9.17
N ASP D 93 -16.10 -17.69 -9.84
CA ASP D 93 -14.71 -17.62 -9.41
C ASP D 93 -14.45 -16.44 -8.47
N THR D 94 -15.45 -15.57 -8.26
CA THR D 94 -15.35 -14.53 -7.25
C THR D 94 -15.16 -15.17 -5.88
N ALA D 95 -14.02 -14.89 -5.23
CA ALA D 95 -13.68 -15.59 -3.99
C ALA D 95 -12.52 -14.87 -3.31
N THR D 96 -12.30 -15.24 -2.04
CA THR D 96 -11.01 -15.00 -1.41
C THR D 96 -10.11 -16.18 -1.76
N TYR D 97 -8.89 -15.90 -2.19
CA TYR D 97 -7.92 -16.92 -2.59
C TYR D 97 -6.80 -16.96 -1.57
N TYR D 98 -6.45 -18.17 -1.12
CA TYR D 98 -5.48 -18.39 -0.05
C TYR D 98 -4.42 -19.34 -0.53
N CYS D 99 -3.17 -19.11 -0.09
CA CYS D 99 -2.15 -20.14 -0.20
C CYS D 99 -1.82 -20.65 1.21
N ALA D 100 -1.45 -21.93 1.29
CA ALA D 100 -1.22 -22.56 2.58
C ALA D 100 -0.09 -23.58 2.45
N ARG D 101 0.76 -23.68 3.48
CA ARG D 101 1.91 -24.57 3.45
C ARG D 101 1.59 -25.88 4.15
N ARG D 102 2.14 -26.98 3.62
CA ARG D 102 2.15 -28.25 4.35
C ARG D 102 3.58 -28.76 4.39
N VAL D 103 4.03 -29.21 5.57
CA VAL D 103 5.37 -29.74 5.78
C VAL D 103 5.27 -31.24 6.05
N VAL D 104 6.25 -32.00 5.55
CA VAL D 104 6.32 -33.44 5.80
C VAL D 104 6.16 -33.73 7.29
N ALA D 105 5.38 -34.76 7.60
CA ALA D 105 5.05 -35.13 8.97
C ALA D 105 4.39 -36.50 8.92
N THR D 106 4.16 -37.11 10.10
CA THR D 106 3.38 -38.34 10.10
C THR D 106 1.92 -38.06 9.82
N ASP D 107 1.45 -36.85 10.13
CA ASP D 107 0.10 -36.41 9.85
C ASP D 107 0.11 -35.51 8.60
N TRP D 108 -1.08 -35.17 8.10
CA TRP D 108 -1.17 -34.30 6.92
C TRP D 108 -2.09 -33.13 7.23
N TYR D 109 -1.50 -31.94 7.44
CA TYR D 109 -2.29 -30.75 7.74
C TYR D 109 -1.52 -29.53 7.27
N PHE D 110 -2.25 -28.50 6.87
CA PHE D 110 -1.62 -27.21 6.57
C PHE D 110 -1.16 -26.57 7.87
N ASP D 111 0.05 -26.00 7.87
CA ASP D 111 0.52 -25.41 9.12
C ASP D 111 0.52 -23.89 9.13
N VAL D 112 0.52 -23.23 7.97
N VAL D 112 0.49 -23.23 7.97
CA VAL D 112 0.48 -21.76 7.88
CA VAL D 112 0.41 -21.77 7.92
C VAL D 112 -0.35 -21.37 6.66
C VAL D 112 -0.37 -21.38 6.67
N TRP D 113 -1.23 -20.38 6.83
CA TRP D 113 -2.02 -19.85 5.72
C TRP D 113 -1.65 -18.40 5.47
N GLY D 114 -1.86 -17.94 4.24
CA GLY D 114 -1.72 -16.52 3.99
C GLY D 114 -2.96 -15.76 4.41
N ALA D 115 -2.87 -14.42 4.32
CA ALA D 115 -3.99 -13.56 4.68
C ALA D 115 -5.13 -13.63 3.67
N GLY D 116 -4.87 -14.08 2.44
CA GLY D 116 -5.90 -14.13 1.42
C GLY D 116 -5.94 -12.89 0.55
N THR D 117 -6.23 -13.08 -0.73
CA THR D 117 -6.42 -11.97 -1.65
C THR D 117 -7.81 -12.08 -2.24
N THR D 118 -8.52 -10.95 -2.31
CA THR D 118 -9.89 -10.92 -2.78
C THR D 118 -9.93 -10.70 -4.29
N VAL D 119 -10.64 -11.58 -5.00
CA VAL D 119 -10.83 -11.46 -6.45
C VAL D 119 -12.32 -11.35 -6.74
N THR D 120 -12.70 -10.40 -7.59
CA THR D 120 -14.09 -10.26 -8.00
C THR D 120 -14.15 -10.32 -9.52
N VAL D 121 -14.93 -11.25 -10.05
CA VAL D 121 -15.17 -11.32 -11.50
C VAL D 121 -16.43 -10.51 -11.79
N CYS D 122 -16.30 -9.52 -12.68
CA CYS D 122 -17.42 -8.62 -12.96
C CYS D 122 -18.50 -9.36 -13.74
N SER D 123 -19.72 -8.80 -13.74
CA SER D 123 -20.84 -9.44 -14.43
C SER D 123 -20.59 -9.54 -15.93
N GLY D 124 -20.06 -8.47 -16.52
CA GLY D 124 -19.99 -8.36 -17.96
C GLY D 124 -20.04 -6.90 -18.35
N SER D 125 -18.93 -6.40 -18.90
CA SER D 125 -18.74 -4.98 -19.14
C SER D 125 -19.91 -4.38 -19.91
N ASP D 126 -20.31 -3.18 -19.49
CA ASP D 126 -21.29 -2.38 -20.20
C ASP D 126 -20.63 -1.46 -21.22
N TYR D 127 -19.37 -1.73 -21.59
CA TYR D 127 -18.59 -0.79 -22.39
C TYR D 127 -19.23 -0.54 -23.75
N GLU D 128 -19.74 -1.60 -24.40
CA GLU D 128 -20.34 -1.45 -25.72
C GLU D 128 -21.48 -0.45 -25.70
N PHE D 129 -22.33 -0.52 -24.66
CA PHE D 129 -23.48 0.36 -24.57
C PHE D 129 -23.07 1.77 -24.16
N LEU D 130 -22.26 1.88 -23.10
CA LEU D 130 -21.89 3.18 -22.55
C LEU D 130 -21.00 3.96 -23.51
N LYS D 131 -20.27 3.27 -24.39
CA LYS D 131 -19.40 3.95 -25.34
C LYS D 131 -20.16 4.94 -26.22
N SER D 132 -21.50 4.88 -26.25
CA SER D 132 -22.31 5.78 -27.04
C SER D 132 -23.02 6.84 -26.20
N TRP D 133 -22.69 6.94 -24.90
CA TRP D 133 -23.17 8.01 -24.04
C TRP D 133 -22.33 9.27 -24.24
N THR D 134 -22.92 10.42 -23.88
CA THR D 134 -22.16 11.67 -23.87
C THR D 134 -21.18 11.70 -22.71
N VAL D 135 -20.08 12.44 -22.90
CA VAL D 135 -19.10 12.58 -21.82
C VAL D 135 -19.74 13.17 -20.58
N GLU D 136 -20.63 14.15 -20.78
CA GLU D 136 -21.33 14.75 -19.65
C GLU D 136 -22.11 13.70 -18.86
N ASP D 137 -22.97 12.92 -19.55
CA ASP D 137 -23.73 11.87 -18.88
C ASP D 137 -22.83 10.80 -18.29
N LEU D 138 -21.70 10.51 -18.94
CA LEU D 138 -20.77 9.54 -18.36
C LEU D 138 -20.25 10.05 -17.02
N GLN D 139 -19.89 11.33 -16.93
CA GLN D 139 -19.38 11.86 -15.67
C GLN D 139 -20.48 11.95 -14.62
N LYS D 140 -21.70 12.31 -15.03
CA LYS D 140 -22.85 12.27 -14.13
C LYS D 140 -22.97 10.92 -13.46
N ARG D 141 -22.91 9.84 -14.26
CA ARG D 141 -22.99 8.50 -13.69
C ARG D 141 -21.83 8.23 -12.74
N LEU D 142 -20.65 8.79 -13.04
CA LEU D 142 -19.49 8.58 -12.18
C LEU D 142 -19.65 9.32 -10.85
N LEU D 143 -20.23 10.52 -10.89
CA LEU D 143 -20.48 11.28 -9.68
C LEU D 143 -21.66 10.77 -8.88
N ALA D 144 -22.45 9.86 -9.44
CA ALA D 144 -23.47 9.16 -8.67
C ALA D 144 -22.91 7.93 -7.98
N LEU D 145 -21.96 7.26 -8.64
CA LEU D 145 -21.42 6.00 -8.14
C LEU D 145 -20.54 6.22 -6.92
N ASP D 146 -19.66 7.23 -6.96
CA ASP D 146 -18.70 7.42 -5.88
C ASP D 146 -19.37 7.67 -4.53
N PRO D 147 -20.39 8.54 -4.40
CA PRO D 147 -21.07 8.67 -3.10
C PRO D 147 -21.60 7.37 -2.53
N MET D 148 -22.28 6.56 -3.35
CA MET D 148 -22.86 5.32 -2.85
C MET D 148 -21.80 4.34 -2.39
N MET D 149 -20.66 4.29 -3.08
CA MET D 149 -19.57 3.44 -2.61
C MET D 149 -19.01 3.94 -1.29
N GLU D 150 -18.72 5.23 -1.21
CA GLU D 150 -18.21 5.79 0.04
C GLU D 150 -19.21 5.63 1.17
N GLN D 151 -20.50 5.56 0.84
CA GLN D 151 -21.50 5.24 1.85
C GLN D 151 -21.28 3.85 2.41
N GLU D 152 -21.17 2.85 1.54
CA GLU D 152 -21.07 1.46 2.01
C GLU D 152 -19.77 1.22 2.76
N ILE D 153 -18.72 1.99 2.44
CA ILE D 153 -17.46 1.85 3.15
C ILE D 153 -17.57 2.42 4.56
N GLU D 154 -18.22 3.58 4.71
CA GLU D 154 -18.32 4.19 6.03
C GLU D 154 -19.17 3.35 6.98
N GLU D 155 -20.11 2.55 6.46
CA GLU D 155 -20.82 1.60 7.30
C GLU D 155 -19.88 0.54 7.85
N ILE D 156 -18.94 0.07 7.03
CA ILE D 156 -17.96 -0.92 7.50
C ILE D 156 -17.07 -0.30 8.57
N ARG D 157 -16.66 0.96 8.37
CA ARG D 157 -15.80 1.63 9.33
C ARG D 157 -16.52 1.84 10.65
N GLN D 158 -17.82 2.13 10.59
CA GLN D 158 -18.59 2.31 11.82
C GLN D 158 -18.65 1.00 12.60
N LYS D 159 -19.00 -0.10 11.92
CA LYS D 159 -19.02 -1.41 12.57
C LYS D 159 -17.71 -1.71 13.29
N TYR D 160 -16.58 -1.41 12.66
CA TYR D 160 -15.30 -1.76 13.25
C TYR D 160 -14.84 -0.78 14.32
N GLN D 161 -15.33 0.47 14.30
CA GLN D 161 -15.01 1.37 15.39
C GLN D 161 -15.66 0.90 16.69
N SER D 162 -16.91 0.44 16.61
CA SER D 162 -17.61 -0.05 17.80
C SER D 162 -17.05 -1.37 18.29
N LYS D 163 -16.29 -2.09 17.47
CA LYS D 163 -15.51 -3.23 17.92
C LYS D 163 -14.17 -2.82 18.52
N ARG D 164 -13.59 -1.71 18.05
CA ARG D 164 -12.23 -1.31 18.42
C ARG D 164 -12.18 -0.51 19.71
N GLN D 165 -13.16 0.36 19.95
CA GLN D 165 -13.10 1.23 21.11
C GLN D 165 -13.09 0.52 22.45
N PRO D 166 -13.87 -0.55 22.70
CA PRO D 166 -13.75 -1.21 24.02
C PRO D 166 -12.42 -1.93 24.19
N ILE D 167 -11.75 -2.29 23.11
CA ILE D 167 -10.41 -2.85 23.22
C ILE D 167 -9.42 -1.75 23.61
N LEU D 168 -9.47 -0.63 22.89
CA LEU D 168 -8.61 0.52 23.18
C LEU D 168 -8.84 1.02 24.60
N ASP D 169 -10.10 1.05 25.04
CA ASP D 169 -10.40 1.50 26.40
C ASP D 169 -9.84 0.54 27.44
N ALA D 170 -9.94 -0.77 27.18
CA ALA D 170 -9.44 -1.76 28.14
C ALA D 170 -7.92 -1.78 28.17
N ILE D 171 -7.27 -1.52 27.04
CA ILE D 171 -5.82 -1.43 27.02
C ILE D 171 -5.36 -0.24 27.85
N GLU D 172 -6.00 0.92 27.68
CA GLU D 172 -5.63 2.14 28.36
C GLU D 172 -6.09 2.18 29.82
N ALA D 173 -6.97 1.25 30.22
CA ALA D 173 -7.48 1.16 31.59
C ALA D 173 -8.19 2.44 32.02
N ARG E 2 -13.58 -41.58 -6.37
CA ARG E 2 -14.69 -41.01 -5.62
C ARG E 2 -14.20 -40.00 -4.59
N ASP E 3 -14.71 -38.77 -4.67
CA ASP E 3 -14.31 -37.72 -3.72
C ASP E 3 -14.81 -38.07 -2.32
N ILE E 4 -14.02 -37.73 -1.31
CA ILE E 4 -14.52 -37.82 0.07
C ILE E 4 -15.33 -36.58 0.38
N VAL E 5 -16.63 -36.76 0.60
CA VAL E 5 -17.54 -35.69 0.97
C VAL E 5 -17.66 -35.65 2.48
N LEU E 6 -17.48 -34.46 3.06
CA LEU E 6 -17.59 -34.24 4.49
C LEU E 6 -18.92 -33.56 4.77
N THR E 7 -19.79 -34.23 5.51
CA THR E 7 -21.10 -33.69 5.87
C THR E 7 -21.03 -33.17 7.30
N GLN E 8 -21.10 -31.85 7.44
CA GLN E 8 -20.91 -31.14 8.70
C GLN E 8 -22.27 -30.66 9.18
N SER E 9 -22.67 -31.11 10.36
CA SER E 9 -23.93 -30.69 10.95
C SER E 9 -23.68 -30.23 12.38
N PRO E 10 -24.47 -29.27 12.87
CA PRO E 10 -25.48 -28.55 12.10
C PRO E 10 -24.81 -27.42 11.31
N ALA E 11 -25.54 -26.77 10.41
CA ALA E 11 -24.94 -25.63 9.72
C ALA E 11 -24.76 -24.43 10.64
N SER E 12 -25.54 -24.36 11.71
CA SER E 12 -25.46 -23.23 12.63
C SER E 12 -25.91 -23.67 14.02
N LEU E 13 -25.24 -23.11 15.03
CA LEU E 13 -25.52 -23.36 16.43
C LEU E 13 -25.64 -22.03 17.17
N ALA E 14 -26.66 -21.93 18.02
CA ALA E 14 -26.86 -20.78 18.90
C ALA E 14 -26.74 -21.28 20.33
N VAL E 15 -25.70 -20.85 21.03
CA VAL E 15 -25.40 -21.33 22.36
C VAL E 15 -25.32 -20.16 23.33
N SER E 16 -25.61 -20.44 24.59
CA SER E 16 -25.39 -19.47 25.66
C SER E 16 -23.97 -19.57 26.17
N LEU E 17 -23.43 -18.45 26.64
CA LEU E 17 -22.13 -18.42 27.27
C LEU E 17 -22.01 -19.47 28.36
N GLY E 18 -20.93 -20.26 28.31
CA GLY E 18 -20.68 -21.30 29.26
C GLY E 18 -21.23 -22.66 28.88
N GLN E 19 -22.03 -22.74 27.83
CA GLN E 19 -22.65 -23.98 27.40
C GLN E 19 -21.70 -24.81 26.53
N ARG E 20 -22.04 -26.09 26.34
CA ARG E 20 -21.35 -26.96 25.40
C ARG E 20 -21.81 -26.77 23.97
N ALA E 21 -20.86 -26.63 23.05
CA ALA E 21 -21.14 -26.64 21.63
C ALA E 21 -20.52 -27.90 21.04
N THR E 22 -21.30 -28.64 20.26
CA THR E 22 -20.81 -29.85 19.60
C THR E 22 -21.09 -29.76 18.12
N ILE E 23 -20.05 -29.99 17.31
CA ILE E 23 -20.11 -29.91 15.85
C ILE E 23 -19.71 -31.25 15.28
N SER E 24 -20.57 -31.82 14.44
CA SER E 24 -20.36 -33.15 13.88
C SER E 24 -19.80 -33.04 12.47
N CYS E 25 -19.00 -34.04 12.09
CA CYS E 25 -18.52 -34.18 10.72
C CYS E 25 -18.57 -35.66 10.38
N ARG E 26 -19.35 -36.00 9.35
CA ARG E 26 -19.45 -37.36 8.83
C ARG E 26 -18.78 -37.43 7.45
N ALA E 27 -17.81 -38.32 7.31
CA ALA E 27 -17.10 -38.53 6.04
C ALA E 27 -17.73 -39.67 5.26
N SER E 28 -17.75 -39.52 3.94
CA SER E 28 -18.33 -40.54 3.07
C SER E 28 -17.52 -41.84 3.05
N GLU E 29 -16.25 -41.80 3.47
CA GLU E 29 -15.47 -43.01 3.67
C GLU E 29 -14.43 -42.74 4.75
N SER E 30 -13.78 -43.80 5.22
CA SER E 30 -12.82 -43.69 6.32
C SER E 30 -11.63 -42.80 5.95
N VAL E 31 -11.26 -41.91 6.87
CA VAL E 31 -10.09 -41.07 6.66
C VAL E 31 -8.94 -41.61 7.50
N GLU E 32 -9.02 -42.90 7.84
CA GLU E 32 -7.99 -43.54 8.63
C GLU E 32 -6.83 -43.96 7.72
N TYR E 33 -5.65 -44.11 8.32
CA TYR E 33 -4.41 -44.45 7.64
C TYR E 33 -3.45 -45.07 8.65
N TYR E 34 -2.41 -45.75 8.16
CA TYR E 34 -1.46 -46.36 9.09
C TYR E 34 -0.82 -45.31 9.99
N GLY E 35 -1.10 -45.37 11.28
CA GLY E 35 -0.46 -44.52 12.26
C GLY E 35 -1.05 -43.13 12.41
N THR E 36 -2.10 -42.78 11.67
CA THR E 36 -2.63 -41.43 11.72
C THR E 36 -4.09 -41.47 11.31
N THR E 37 -4.81 -40.40 11.67
CA THR E 37 -6.15 -40.12 11.17
C THR E 37 -6.08 -38.78 10.46
N LEU E 38 -6.63 -38.71 9.25
CA LEU E 38 -6.39 -37.53 8.42
C LEU E 38 -7.59 -36.59 8.44
N MET E 39 -7.89 -36.09 9.64
CA MET E 39 -9.01 -35.20 9.88
C MET E 39 -8.54 -33.99 10.69
N GLN E 40 -8.87 -32.79 10.21
CA GLN E 40 -8.52 -31.53 10.85
C GLN E 40 -9.78 -30.71 11.13
N TRP E 41 -9.67 -29.78 12.09
CA TRP E 41 -10.74 -28.84 12.39
C TRP E 41 -10.16 -27.43 12.36
N TYR E 42 -10.87 -26.50 11.71
CA TYR E 42 -10.44 -25.13 11.53
C TYR E 42 -11.45 -24.16 12.15
N GLN E 43 -10.94 -23.02 12.64
CA GLN E 43 -11.78 -21.91 13.08
C GLN E 43 -11.53 -20.72 12.16
N GLN E 44 -12.60 -20.03 11.77
CA GLN E 44 -12.44 -18.85 10.92
C GLN E 44 -13.37 -17.74 11.39
N LYS E 45 -12.80 -16.60 11.68
CA LYS E 45 -13.49 -15.35 11.96
C LYS E 45 -13.60 -14.54 10.66
N PRO E 46 -14.74 -13.88 10.45
CA PRO E 46 -14.95 -13.15 9.19
C PRO E 46 -13.84 -12.16 8.87
N GLY E 47 -13.22 -12.31 7.70
CA GLY E 47 -12.16 -11.43 7.28
C GLY E 47 -10.76 -11.91 7.62
N GLN E 48 -10.61 -13.11 8.15
CA GLN E 48 -9.33 -13.68 8.52
C GLN E 48 -9.21 -15.05 7.87
N PRO E 49 -7.99 -15.53 7.65
CA PRO E 49 -7.80 -16.89 7.16
C PRO E 49 -8.29 -17.90 8.18
N PRO E 50 -8.57 -19.13 7.76
CA PRO E 50 -8.82 -20.19 8.75
C PRO E 50 -7.60 -20.41 9.62
N LYS E 51 -7.85 -20.86 10.84
CA LYS E 51 -6.81 -21.15 11.83
C LYS E 51 -6.98 -22.59 12.30
N LEU E 52 -5.90 -23.38 12.23
CA LEU E 52 -5.96 -24.77 12.65
C LEU E 52 -6.20 -24.87 14.16
N LEU E 53 -7.19 -25.69 14.55
CA LEU E 53 -7.45 -26.01 15.94
C LEU E 53 -7.00 -27.41 16.29
N ILE E 54 -7.36 -28.38 15.45
CA ILE E 54 -7.17 -29.80 15.73
C ILE E 54 -6.64 -30.47 14.48
N TYR E 55 -5.63 -31.32 14.63
CA TYR E 55 -5.16 -32.12 13.52
C TYR E 55 -5.12 -33.58 13.96
N ALA E 56 -5.15 -34.48 12.98
CA ALA E 56 -5.16 -35.92 13.24
C ALA E 56 -6.29 -36.28 14.19
N ALA E 57 -7.44 -35.61 14.01
CA ALA E 57 -8.70 -35.89 14.71
C ALA E 57 -8.70 -35.40 16.15
N SER E 58 -7.60 -35.57 16.89
CA SER E 58 -7.61 -35.27 18.33
C SER E 58 -6.41 -34.46 18.83
N LYS E 59 -5.44 -34.14 17.98
CA LYS E 59 -4.26 -33.40 18.41
C LYS E 59 -4.50 -31.90 18.35
N VAL E 60 -4.05 -31.18 19.37
CA VAL E 60 -4.38 -29.76 19.53
C VAL E 60 -3.20 -28.91 19.09
N GLU E 61 -3.46 -27.93 18.23
CA GLU E 61 -2.41 -27.03 17.77
C GLU E 61 -1.92 -26.14 18.91
N SER E 62 -0.71 -25.61 18.76
N SER E 62 -0.71 -25.62 18.76
CA SER E 62 -0.12 -24.74 19.78
CA SER E 62 -0.13 -24.75 19.79
C SER E 62 -0.98 -23.49 19.97
C SER E 62 -0.98 -23.50 19.98
N GLY E 63 -1.27 -23.19 21.23
CA GLY E 63 -2.06 -22.01 21.57
C GLY E 63 -3.53 -22.26 21.77
N VAL E 64 -4.07 -23.36 21.27
CA VAL E 64 -5.53 -23.57 21.35
C VAL E 64 -5.92 -23.89 22.80
N PRO E 65 -6.87 -23.17 23.38
CA PRO E 65 -7.23 -23.38 24.79
C PRO E 65 -7.78 -24.78 25.03
N ALA E 66 -7.84 -25.15 26.32
CA ALA E 66 -8.29 -26.48 26.72
C ALA E 66 -9.75 -26.73 26.39
N ARG E 67 -10.54 -25.67 26.18
CA ARG E 67 -11.97 -25.86 25.99
C ARG E 67 -12.29 -26.49 24.64
N PHE E 68 -11.31 -26.53 23.71
CA PHE E 68 -11.50 -27.21 22.43
C PHE E 68 -10.99 -28.64 22.49
N SER E 69 -11.75 -29.56 21.90
CA SER E 69 -11.38 -30.96 21.90
C SER E 69 -11.95 -31.62 20.65
N GLY E 70 -11.22 -32.59 20.12
CA GLY E 70 -11.69 -33.34 18.97
C GLY E 70 -11.68 -34.82 19.25
N SER E 71 -12.67 -35.51 18.69
CA SER E 71 -12.81 -36.93 18.92
C SER E 71 -13.41 -37.58 17.68
N GLY E 72 -13.42 -38.90 17.67
CA GLY E 72 -13.97 -39.65 16.56
C GLY E 72 -12.93 -40.53 15.88
N SER E 73 -13.42 -41.33 14.95
CA SER E 73 -12.59 -42.26 14.20
C SER E 73 -13.38 -42.75 12.99
N GLY E 74 -12.64 -43.29 12.02
CA GLY E 74 -13.27 -43.81 10.82
C GLY E 74 -13.96 -42.72 10.03
N THR E 75 -15.28 -42.66 10.13
CA THR E 75 -16.08 -41.70 9.36
C THR E 75 -16.78 -40.66 10.21
N ASP E 76 -16.76 -40.78 11.54
CA ASP E 76 -17.54 -39.93 12.43
C ASP E 76 -16.64 -39.13 13.34
N PHE E 77 -16.76 -37.80 13.30
CA PHE E 77 -15.87 -36.93 14.06
C PHE E 77 -16.67 -35.82 14.70
N SER E 78 -16.17 -35.30 15.82
CA SER E 78 -16.85 -34.21 16.49
C SER E 78 -15.83 -33.24 17.06
N LEU E 79 -16.19 -31.96 17.06
CA LEU E 79 -15.45 -30.92 17.76
C LEU E 79 -16.32 -30.44 18.91
N ASN E 80 -15.75 -30.40 20.10
CA ASN E 80 -16.44 -29.99 21.31
C ASN E 80 -15.80 -28.73 21.86
N ILE E 81 -16.61 -27.73 22.16
CA ILE E 81 -16.17 -26.48 22.77
C ILE E 81 -16.95 -26.30 24.05
N HIS E 82 -16.25 -26.30 25.18
CA HIS E 82 -16.89 -26.25 26.50
C HIS E 82 -15.92 -25.76 27.57
N PRO E 83 -16.17 -24.59 28.19
CA PRO E 83 -17.29 -23.68 28.00
C PRO E 83 -17.13 -22.80 26.77
N VAL E 84 -18.22 -22.49 26.08
CA VAL E 84 -18.15 -21.54 24.99
C VAL E 84 -17.94 -20.14 25.55
N GLU E 85 -16.92 -19.46 25.04
CA GLU E 85 -16.55 -18.10 25.39
C GLU E 85 -16.87 -17.16 24.22
N GLU E 86 -16.80 -15.86 24.51
CA GLU E 86 -17.11 -14.87 23.48
C GLU E 86 -16.14 -14.95 22.31
N ASP E 87 -14.88 -15.30 22.57
CA ASP E 87 -13.92 -15.38 21.49
C ASP E 87 -14.18 -16.53 20.52
N ASP E 88 -15.18 -17.37 20.79
CA ASP E 88 -15.44 -18.55 19.99
C ASP E 88 -16.51 -18.35 18.93
N VAL E 89 -17.16 -17.19 18.88
CA VAL E 89 -18.16 -16.94 17.84
C VAL E 89 -17.43 -16.87 16.50
N ALA E 90 -17.64 -17.86 15.65
CA ALA E 90 -16.86 -17.98 14.42
C ALA E 90 -17.48 -19.08 13.57
N MET E 91 -16.91 -19.28 12.39
CA MET E 91 -17.21 -20.44 11.57
C MET E 91 -16.19 -21.54 11.85
N TYR E 92 -16.66 -22.78 11.86
CA TYR E 92 -15.79 -23.94 12.07
C TYR E 92 -15.90 -24.87 10.88
N PHE E 93 -14.78 -25.47 10.45
CA PHE E 93 -14.77 -26.39 9.31
C PHE E 93 -13.98 -27.65 9.66
N CYS E 94 -14.48 -28.81 9.22
CA CYS E 94 -13.64 -30.00 9.18
C CYS E 94 -12.94 -30.07 7.83
N GLN E 95 -11.86 -30.87 7.78
CA GLN E 95 -11.04 -30.98 6.59
C GLN E 95 -10.39 -32.36 6.57
N GLN E 96 -10.48 -33.06 5.44
CA GLN E 96 -9.86 -34.38 5.32
C GLN E 96 -8.67 -34.34 4.37
N SER E 97 -7.63 -35.08 4.73
N SER E 97 -7.62 -35.08 4.73
CA SER E 97 -6.39 -35.19 3.96
CA SER E 97 -6.40 -35.18 3.94
C SER E 97 -6.09 -36.63 3.56
C SER E 97 -6.09 -36.63 3.60
N ARG E 98 -7.12 -37.49 3.56
CA ARG E 98 -6.92 -38.90 3.24
C ARG E 98 -6.73 -39.11 1.75
N LYS E 99 -7.57 -38.48 0.93
CA LYS E 99 -7.50 -38.65 -0.51
C LYS E 99 -7.55 -37.28 -1.18
N VAL E 100 -6.92 -37.20 -2.35
CA VAL E 100 -7.05 -36.04 -3.24
C VAL E 100 -8.31 -36.21 -4.07
N PRO E 101 -9.15 -35.17 -4.22
CA PRO E 101 -9.02 -33.80 -3.71
C PRO E 101 -9.21 -33.66 -2.22
N LEU E 102 -8.39 -32.81 -1.62
CA LEU E 102 -8.63 -32.37 -0.24
C LEU E 102 -10.01 -31.71 -0.18
N THR E 103 -10.77 -32.01 0.87
CA THR E 103 -12.11 -31.43 0.96
C THR E 103 -12.40 -30.98 2.38
N PHE E 104 -13.29 -29.99 2.48
CA PHE E 104 -13.72 -29.39 3.72
C PHE E 104 -15.22 -29.60 3.86
N GLY E 105 -15.69 -29.66 5.10
CA GLY E 105 -17.10 -29.54 5.34
C GLY E 105 -17.61 -28.15 5.02
N ALA E 106 -18.93 -28.00 4.94
CA ALA E 106 -19.52 -26.76 4.47
C ALA E 106 -19.41 -25.63 5.49
N GLY E 107 -19.16 -25.94 6.75
CA GLY E 107 -18.98 -24.97 7.81
C GLY E 107 -20.14 -24.94 8.78
N THR E 108 -19.82 -24.65 10.06
CA THR E 108 -20.82 -24.47 11.11
C THR E 108 -20.67 -23.07 11.71
N LYS E 109 -21.77 -22.31 11.73
CA LYS E 109 -21.76 -20.96 12.28
C LYS E 109 -22.10 -21.01 13.77
N LEU E 110 -21.12 -20.69 14.60
CA LEU E 110 -21.32 -20.62 16.04
C LEU E 110 -21.68 -19.19 16.43
N GLU E 111 -22.84 -19.03 17.07
CA GLU E 111 -23.31 -17.73 17.48
C GLU E 111 -23.72 -17.77 18.94
N LEU E 112 -23.52 -16.64 19.62
CA LEU E 112 -23.91 -16.50 21.01
C LEU E 112 -25.33 -15.97 21.08
N LYS E 113 -26.17 -16.63 21.87
CA LYS E 113 -27.53 -16.16 22.10
C LYS E 113 -27.49 -14.72 22.60
N ARG E 114 -28.15 -13.84 21.84
CA ARG E 114 -28.07 -12.38 22.01
C ARG E 114 -26.67 -11.89 21.67
N TYR E 118 -19.40 -6.44 25.93
CA TYR E 118 -17.96 -6.24 25.80
C TYR E 118 -17.28 -6.17 27.16
N GLU E 119 -18.01 -6.54 28.21
CA GLU E 119 -17.45 -6.53 29.56
C GLU E 119 -16.41 -7.62 29.78
N PHE E 120 -16.45 -8.69 28.98
CA PHE E 120 -15.45 -9.75 29.09
C PHE E 120 -14.05 -9.24 28.80
N LEU E 121 -13.92 -8.20 27.98
CA LEU E 121 -12.62 -7.68 27.57
C LEU E 121 -11.80 -7.16 28.75
N LYS E 122 -12.44 -6.75 29.84
CA LYS E 122 -11.71 -6.28 31.01
C LYS E 122 -11.00 -7.41 31.75
N SER E 123 -11.32 -8.66 31.43
CA SER E 123 -10.65 -9.83 32.01
C SER E 123 -9.46 -10.31 31.20
N TRP E 124 -9.23 -9.74 30.02
CA TRP E 124 -8.17 -10.19 29.14
C TRP E 124 -6.85 -9.51 29.48
N THR E 125 -5.76 -10.19 29.16
CA THR E 125 -4.44 -9.58 29.28
C THR E 125 -4.26 -8.50 28.22
N VAL E 126 -3.39 -7.53 28.52
CA VAL E 126 -3.18 -6.43 27.58
C VAL E 126 -2.59 -6.94 26.28
N GLU E 127 -1.66 -7.90 26.35
CA GLU E 127 -1.07 -8.44 25.13
C GLU E 127 -2.12 -9.13 24.26
N ASP E 128 -3.06 -9.85 24.88
CA ASP E 128 -4.16 -10.45 24.13
C ASP E 128 -5.08 -9.40 23.54
N LEU E 129 -5.31 -8.30 24.27
CA LEU E 129 -6.09 -7.21 23.73
C LEU E 129 -5.39 -6.54 22.56
N GLN E 130 -4.08 -6.30 22.68
CA GLN E 130 -3.34 -5.65 21.60
C GLN E 130 -3.31 -6.51 20.35
N LYS E 131 -3.26 -7.83 20.50
CA LYS E 131 -3.33 -8.72 19.35
C LYS E 131 -4.69 -8.61 18.67
N ARG E 132 -5.76 -8.65 19.47
CA ARG E 132 -7.11 -8.53 18.94
C ARG E 132 -7.32 -7.23 18.19
N LEU E 133 -6.67 -6.14 18.64
CA LEU E 133 -6.82 -4.85 17.98
C LEU E 133 -6.12 -4.86 16.62
N LEU E 134 -4.88 -5.34 16.57
CA LEU E 134 -4.16 -5.36 15.31
C LEU E 134 -4.81 -6.30 14.31
N ALA E 135 -5.49 -7.34 14.79
CA ALA E 135 -6.16 -8.26 13.88
C ALA E 135 -7.35 -7.60 13.19
N LEU E 136 -8.06 -6.71 13.88
CA LEU E 136 -9.25 -6.09 13.28
C LEU E 136 -8.95 -5.26 12.05
N ASP E 137 -7.71 -4.77 11.87
CA ASP E 137 -7.43 -3.92 10.71
C ASP E 137 -7.42 -4.69 9.40
N PRO E 138 -6.76 -5.86 9.28
CA PRO E 138 -6.90 -6.63 8.03
C PRO E 138 -8.32 -7.13 7.79
N MET E 139 -9.05 -7.48 8.85
CA MET E 139 -10.48 -7.82 8.73
C MET E 139 -11.25 -6.70 8.05
N MET E 140 -11.15 -5.48 8.60
CA MET E 140 -11.90 -4.36 8.07
C MET E 140 -11.49 -4.06 6.64
N GLU E 141 -10.18 -4.16 6.36
CA GLU E 141 -9.70 -3.87 5.02
C GLU E 141 -10.20 -4.88 4.00
N GLN E 142 -10.32 -6.16 4.40
CA GLN E 142 -10.90 -7.14 3.49
C GLN E 142 -12.35 -6.79 3.15
N GLU E 143 -13.14 -6.41 4.15
CA GLU E 143 -14.53 -6.06 3.90
C GLU E 143 -14.65 -4.81 3.03
N ILE E 144 -13.77 -3.83 3.26
CA ILE E 144 -13.78 -2.63 2.43
C ILE E 144 -13.33 -2.95 1.02
N GLU E 145 -12.33 -3.81 0.88
CA GLU E 145 -11.85 -4.18 -0.46
C GLU E 145 -12.92 -4.89 -1.27
N GLU E 146 -13.76 -5.70 -0.62
CA GLU E 146 -14.84 -6.37 -1.36
C GLU E 146 -15.85 -5.35 -1.88
N ILE E 147 -16.07 -4.27 -1.12
CA ILE E 147 -16.96 -3.20 -1.58
C ILE E 147 -16.30 -2.38 -2.69
N ARG E 148 -15.03 -2.01 -2.51
CA ARG E 148 -14.34 -1.27 -3.57
C ARG E 148 -14.36 -2.07 -4.87
N GLN E 149 -14.13 -3.38 -4.78
CA GLN E 149 -14.11 -4.20 -5.99
C GLN E 149 -15.49 -4.27 -6.64
N LYS E 150 -16.55 -4.46 -5.84
CA LYS E 150 -17.89 -4.46 -6.40
C LYS E 150 -18.19 -3.17 -7.17
N TYR E 151 -17.80 -2.03 -6.61
CA TYR E 151 -18.06 -0.76 -7.28
C TYR E 151 -17.07 -0.50 -8.43
N GLN E 152 -15.85 -1.01 -8.33
CA GLN E 152 -14.92 -0.87 -9.45
C GLN E 152 -15.43 -1.61 -10.68
N CYS E 153 -16.13 -2.71 -10.45
CA CYS E 153 -16.70 -3.49 -11.52
C CYS E 153 -17.72 -2.65 -12.30
N LYS E 154 -18.44 -1.77 -11.60
CA LYS E 154 -19.38 -0.86 -12.23
C LYS E 154 -18.70 0.38 -12.79
N ARG E 155 -17.64 0.85 -12.13
CA ARG E 155 -16.98 2.08 -12.57
C ARG E 155 -16.15 1.88 -13.83
N GLN E 156 -15.52 0.72 -13.99
CA GLN E 156 -14.55 0.53 -15.07
C GLN E 156 -15.15 0.79 -16.45
N PRO E 157 -16.33 0.26 -16.81
CA PRO E 157 -16.83 0.56 -18.16
C PRO E 157 -17.09 2.03 -18.39
N ILE E 158 -17.54 2.76 -17.37
CA ILE E 158 -17.72 4.21 -17.50
C ILE E 158 -16.39 4.88 -17.80
N LEU E 159 -15.37 4.57 -17.00
CA LEU E 159 -14.05 5.13 -17.23
C LEU E 159 -13.56 4.77 -18.63
N ASP E 160 -13.80 3.53 -19.05
CA ASP E 160 -13.31 3.11 -20.36
C ASP E 160 -14.05 3.81 -21.48
N ALA E 161 -15.33 4.09 -21.28
CA ALA E 161 -16.12 4.81 -22.27
C ALA E 161 -15.68 6.26 -22.39
N ILE E 162 -15.24 6.86 -21.28
CA ILE E 162 -14.74 8.24 -21.34
C ILE E 162 -13.42 8.27 -22.08
N GLU E 163 -12.50 7.39 -21.71
CA GLU E 163 -11.17 7.43 -22.32
C GLU E 163 -11.20 7.02 -23.79
N ALA E 164 -12.21 6.26 -24.22
CA ALA E 164 -12.32 5.90 -25.64
C ALA E 164 -12.95 6.99 -26.49
N LYS E 165 -13.27 8.16 -25.91
CA LYS E 165 -13.77 9.28 -26.72
C LYS E 165 -12.66 9.95 -27.51
N GLY E 166 -11.41 9.83 -27.07
CA GLY E 166 -10.35 10.51 -27.79
C GLY E 166 -10.41 12.02 -27.60
N THR E 167 -9.69 12.72 -28.47
CA THR E 167 -9.62 14.18 -28.39
C THR E 167 -10.95 14.81 -28.74
N LEU E 168 -11.40 15.73 -27.87
CA LEU E 168 -12.71 16.38 -28.01
C LEU E 168 -12.56 17.90 -28.05
N PRO F 2 6.80 -41.12 8.02
CA PRO F 2 6.43 -39.81 7.49
C PRO F 2 5.77 -39.93 6.13
N ILE F 3 4.77 -39.08 5.90
CA ILE F 3 4.08 -39.01 4.61
C ILE F 3 4.75 -37.88 3.85
N TRP F 4 5.58 -38.22 2.87
CA TRP F 4 6.33 -37.18 2.17
C TRP F 4 5.45 -36.39 1.20
N LYS F 5 4.53 -37.07 0.50
CA LYS F 5 3.64 -36.35 -0.41
C LYS F 5 2.21 -36.50 0.07
N PHE F 6 1.34 -37.22 -0.64
CA PHE F 6 0.01 -37.47 -0.12
C PHE F 6 -0.12 -38.93 0.31
N PRO F 7 -1.08 -39.26 1.18
CA PRO F 7 -1.22 -40.65 1.61
C PRO F 7 -1.43 -41.56 0.42
N ASP F 8 -0.74 -42.70 0.46
CA ASP F 8 -0.68 -43.64 -0.65
C ASP F 8 -2.05 -43.94 -1.25
#